data_4XSC
#
_entry.id   4XSC
#
_cell.length_a   149.515
_cell.length_b   149.515
_cell.length_c   88.971
_cell.angle_alpha   90.00
_cell.angle_beta   90.00
_cell.angle_gamma   120.00
#
_symmetry.space_group_name_H-M   'P 32'
#
loop_
_entity.id
_entity.type
_entity.pdbx_description
1 polymer 'Thymidylate synthase'
2 non-polymer "(E)-5-(2-BROMOVINYL)-2'-DEOXYURIDINE-5'-MONOPHOSPHATE"
3 non-polymer 'PENTAETHYLENE GLYCOL'
4 water water
#
_entity_poly.entity_id   1
_entity_poly.type   'polypeptide(L)'
_entity_poly.pdbx_seq_one_letter_code
;MHHHHHHSSGVDLGTENLYFQSMTKVPGFTLTGELQYLKQVDDILRYGVRKRDRTGIGTLSLFGMQARYNLRNEFPLLTT
KRVFWRAVVEELLWFIRGSTDSKELAAKDIHIWDIYGSSKFLNRNGFHKRHTGDLGPIYGFQWRHFGAEYKDCQSNYLQQ
GIDQLQTVIDTIKTNPESRRMIISSWNPKDIPLMVLPPCHTLCQFYVANGELSCQVYQRSGDMGLGVPFNIAGYALLTYI
VAHVTGLKTGDLIHTMGDAHIYLNHIDALKVQLARSPKPFPCLKIIRNVTDINDFKWDDFQLDGYNPHPPL
;
_entity_poly.pdbx_strand_id   A,B,C,D
#
loop_
_chem_comp.id
_chem_comp.type
_chem_comp.name
_chem_comp.formula
1PE non-polymer 'PENTAETHYLENE GLYCOL' 'C10 H22 O6'
BVP DNA linking (E)-5-(2-BROMOVINYL)-2'-DEOXYURIDINE-5'-MONOPHOSPHATE 'C11 H14 Br N2 O8 P'
#
# COMPACT_ATOMS: atom_id res chain seq x y z
N THR A 30 -28.69 -26.21 22.31
CA THR A 30 -29.12 -27.33 21.49
C THR A 30 -30.11 -26.90 20.40
N LEU A 31 -30.23 -25.59 20.19
CA LEU A 31 -30.98 -25.05 19.05
C LEU A 31 -29.96 -24.64 17.99
N THR A 32 -30.17 -25.09 16.76
CA THR A 32 -29.16 -24.94 15.73
C THR A 32 -29.63 -24.10 14.54
N GLY A 33 -28.67 -23.57 13.79
CA GLY A 33 -28.94 -22.86 12.55
C GLY A 33 -29.73 -21.57 12.66
N GLU A 34 -30.63 -21.38 11.70
CA GLU A 34 -31.44 -20.17 11.59
C GLU A 34 -32.48 -20.08 12.70
N LEU A 35 -32.82 -21.22 13.28
CA LEU A 35 -33.79 -21.25 14.38
C LEU A 35 -33.29 -20.45 15.58
N GLN A 36 -31.97 -20.29 15.67
CA GLN A 36 -31.39 -19.44 16.70
C GLN A 36 -31.80 -17.99 16.49
N TYR A 37 -31.65 -17.52 15.26
CA TYR A 37 -32.04 -16.16 14.92
C TYR A 37 -33.54 -15.96 15.15
N LEU A 38 -34.33 -16.95 14.76
CA LEU A 38 -35.79 -16.85 14.84
C LEU A 38 -36.30 -16.84 16.27
N LYS A 39 -35.69 -17.65 17.14
CA LYS A 39 -36.07 -17.64 18.54
C LYS A 39 -35.74 -16.28 19.16
N GLN A 40 -34.62 -15.71 18.73
CA GLN A 40 -34.21 -14.39 19.22
C GLN A 40 -35.26 -13.36 18.85
N VAL A 41 -35.69 -13.38 17.60
CA VAL A 41 -36.75 -12.51 17.13
C VAL A 41 -38.01 -12.70 17.98
N ASP A 42 -38.38 -13.97 18.20
CA ASP A 42 -39.59 -14.27 18.93
C ASP A 42 -39.51 -13.83 20.39
N ASP A 43 -38.34 -13.99 20.98
CA ASP A 43 -38.10 -13.63 22.37
C ASP A 43 -38.21 -12.13 22.60
N ILE A 44 -37.64 -11.35 21.70
CA ILE A 44 -37.71 -9.90 21.80
C ILE A 44 -39.17 -9.41 21.55
N LEU A 45 -39.96 -10.22 20.86
CA LEU A 45 -41.36 -9.87 20.66
C LEU A 45 -42.21 -10.24 21.89
N ARG A 46 -41.91 -11.39 22.47
CA ARG A 46 -42.67 -11.93 23.60
C ARG A 46 -42.17 -11.41 24.95
N TYR A 47 -40.86 -11.25 25.09
CA TYR A 47 -40.26 -10.84 26.36
C TYR A 47 -39.59 -9.47 26.27
N GLY A 48 -39.59 -8.88 25.07
CA GLY A 48 -38.89 -7.63 24.82
C GLY A 48 -39.38 -6.45 25.65
N VAL A 49 -38.47 -5.50 25.84
CA VAL A 49 -38.72 -4.34 26.70
C VAL A 49 -38.92 -3.07 25.87
N ARG A 50 -39.90 -2.25 26.26
CA ARG A 50 -40.10 -0.94 25.66
C ARG A 50 -38.85 -0.07 25.84
N LYS A 51 -38.23 0.28 24.72
CA LYS A 51 -37.03 1.13 24.74
C LYS A 51 -36.98 2.03 23.51
N ARG A 52 -36.71 3.31 23.72
CA ARG A 52 -36.79 4.29 22.65
C ARG A 52 -35.57 4.29 21.75
N ASP A 53 -35.80 4.29 20.44
CA ASP A 53 -34.70 4.33 19.46
C ASP A 53 -34.05 5.71 19.48
N ARG A 54 -32.86 5.79 18.90
CA ARG A 54 -32.10 7.03 18.81
C ARG A 54 -32.80 8.07 17.91
N THR A 55 -33.65 7.59 17.00
CA THR A 55 -34.32 8.48 16.05
C THR A 55 -35.67 8.98 16.55
N GLY A 56 -36.19 8.36 17.61
CA GLY A 56 -37.44 8.79 18.19
C GLY A 56 -38.54 7.75 18.14
N ILE A 57 -38.36 6.74 17.31
CA ILE A 57 -39.35 5.68 17.16
C ILE A 57 -39.19 4.67 18.29
N GLY A 58 -40.28 3.94 18.59
CA GLY A 58 -40.24 2.92 19.62
C GLY A 58 -39.65 1.62 19.14
N THR A 59 -39.04 0.87 20.06
CA THR A 59 -38.50 -0.46 19.78
C THR A 59 -38.73 -1.42 20.94
N LEU A 60 -38.74 -2.72 20.64
CA LEU A 60 -38.72 -3.77 21.65
C LEU A 60 -37.30 -4.29 21.79
N SER A 61 -36.80 -4.39 23.02
CA SER A 61 -35.38 -4.63 23.21
C SER A 61 -35.05 -5.66 24.29
N LEU A 62 -33.98 -6.41 24.06
CA LEU A 62 -33.42 -7.31 25.06
C LEU A 62 -31.90 -7.12 25.11
N PHE A 63 -31.35 -7.06 26.31
CA PHE A 63 -29.92 -6.86 26.44
C PHE A 63 -29.23 -8.20 26.71
N GLY A 64 -28.22 -8.51 25.91
CA GLY A 64 -27.42 -9.70 26.11
C GLY A 64 -27.99 -10.92 25.44
N MET A 65 -27.46 -11.24 24.26
CA MET A 65 -27.84 -12.46 23.56
C MET A 65 -26.60 -13.11 22.95
N GLN A 66 -26.75 -14.34 22.46
CA GLN A 66 -25.64 -15.05 21.85
C GLN A 66 -26.15 -16.20 20.98
N ALA A 67 -25.53 -16.37 19.82
CA ALA A 67 -25.90 -17.45 18.91
C ALA A 67 -24.66 -18.08 18.27
N ARG A 68 -24.67 -19.40 18.19
CA ARG A 68 -23.56 -20.13 17.57
C ARG A 68 -23.96 -20.69 16.21
N TYR A 69 -23.31 -20.20 15.16
CA TYR A 69 -23.61 -20.65 13.80
C TYR A 69 -22.50 -21.55 13.27
N ASN A 70 -22.86 -22.75 12.85
CA ASN A 70 -21.91 -23.70 12.34
C ASN A 70 -21.43 -23.32 10.94
N LEU A 71 -20.12 -23.33 10.74
CA LEU A 71 -19.53 -22.95 9.45
C LEU A 71 -18.94 -24.16 8.72
N ARG A 72 -19.13 -25.35 9.28
CA ARG A 72 -18.63 -26.58 8.66
C ARG A 72 -19.58 -27.08 7.58
N ASN A 73 -19.14 -26.99 6.33
CA ASN A 73 -19.94 -27.40 5.17
C ASN A 73 -21.25 -26.64 5.02
N GLU A 74 -21.30 -25.40 5.51
CA GLU A 74 -22.46 -24.53 5.30
C GLU A 74 -22.13 -23.07 5.58
N PHE A 75 -23.02 -22.18 5.16
CA PHE A 75 -22.85 -20.75 5.35
C PHE A 75 -24.13 -20.11 5.87
N PRO A 76 -24.08 -19.52 7.07
CA PRO A 76 -25.26 -18.97 7.75
C PRO A 76 -25.83 -17.72 7.08
N LEU A 77 -26.26 -17.87 5.84
CA LEU A 77 -26.99 -16.81 5.15
C LEU A 77 -28.47 -17.13 5.25
N LEU A 78 -29.22 -16.25 5.93
CA LEU A 78 -30.61 -16.52 6.27
C LEU A 78 -31.48 -16.81 5.05
N THR A 79 -32.42 -17.71 5.22
CA THR A 79 -33.26 -18.19 4.12
C THR A 79 -34.70 -17.71 4.25
N THR A 80 -35.08 -17.34 5.47
CA THR A 80 -36.42 -16.86 5.75
C THR A 80 -36.66 -15.46 5.16
N LYS A 81 -35.59 -14.82 4.72
CA LYS A 81 -35.66 -13.54 3.99
C LYS A 81 -34.40 -13.34 3.16
N ARG A 82 -34.56 -12.82 1.94
CA ARG A 82 -33.42 -12.65 1.05
C ARG A 82 -32.46 -11.58 1.57
N VAL A 83 -31.19 -11.95 1.68
CA VAL A 83 -30.15 -11.04 2.14
C VAL A 83 -29.30 -10.58 0.97
N PHE A 84 -28.99 -9.29 0.94
CA PHE A 84 -28.18 -8.70 -0.13
C PHE A 84 -26.76 -9.26 -0.15
N TRP A 85 -26.59 -10.42 -0.79
CA TRP A 85 -25.33 -11.16 -0.73
C TRP A 85 -24.15 -10.40 -1.33
N ARG A 86 -24.40 -9.64 -2.38
CA ARG A 86 -23.33 -8.97 -3.08
C ARG A 86 -22.76 -7.79 -2.27
N ALA A 87 -23.56 -7.21 -1.37
CA ALA A 87 -23.07 -6.07 -0.60
C ALA A 87 -22.30 -6.58 0.61
N VAL A 88 -22.69 -7.74 1.12
CA VAL A 88 -21.95 -8.39 2.19
C VAL A 88 -20.50 -8.58 1.75
N VAL A 89 -20.33 -9.13 0.56
CA VAL A 89 -19.01 -9.38 -0.02
C VAL A 89 -18.26 -8.07 -0.32
N GLU A 90 -18.88 -7.19 -1.09
CA GLU A 90 -18.19 -5.97 -1.52
C GLU A 90 -17.87 -5.01 -0.38
N GLU A 91 -18.69 -5.02 0.68
CA GLU A 91 -18.42 -4.15 1.82
C GLU A 91 -17.25 -4.69 2.61
N LEU A 92 -17.18 -6.01 2.74
CA LEU A 92 -16.09 -6.65 3.45
C LEU A 92 -14.77 -6.38 2.74
N LEU A 93 -14.75 -6.60 1.42
CA LEU A 93 -13.58 -6.31 0.59
C LEU A 93 -13.27 -4.82 0.60
N TRP A 94 -14.25 -4.03 1.02
CA TRP A 94 -14.11 -2.58 1.15
C TRP A 94 -13.50 -2.27 2.50
N PHE A 95 -13.88 -3.06 3.50
CA PHE A 95 -13.29 -2.97 4.83
C PHE A 95 -11.84 -3.40 4.77
N ILE A 96 -11.59 -4.52 4.10
CA ILE A 96 -10.28 -5.14 4.05
C ILE A 96 -9.22 -4.22 3.45
N ARG A 97 -9.57 -3.51 2.39
CA ARG A 97 -8.64 -2.60 1.74
C ARG A 97 -8.61 -1.24 2.43
N GLY A 98 -9.20 -1.17 3.61
CA GLY A 98 -9.13 0.02 4.46
C GLY A 98 -9.68 1.29 3.82
N SER A 99 -10.83 1.19 3.19
CA SER A 99 -11.41 2.34 2.52
C SER A 99 -12.56 2.93 3.33
N THR A 100 -12.54 4.25 3.51
CA THR A 100 -13.62 4.94 4.23
C THR A 100 -14.42 5.81 3.26
N ASP A 101 -14.32 5.48 1.98
CA ASP A 101 -15.01 6.23 0.92
C ASP A 101 -16.22 5.46 0.44
N SER A 102 -17.40 6.05 0.57
CA SER A 102 -18.63 5.37 0.19
C SER A 102 -18.86 5.41 -1.32
N LYS A 103 -18.15 6.30 -2.02
CA LYS A 103 -18.25 6.37 -3.47
C LYS A 103 -17.64 5.11 -4.10
N GLU A 104 -16.76 4.46 -3.34
CA GLU A 104 -16.12 3.24 -3.79
C GLU A 104 -17.13 2.09 -3.86
N LEU A 105 -18.14 2.15 -2.99
CA LEU A 105 -19.19 1.13 -2.99
C LEU A 105 -20.30 1.47 -3.98
N ALA A 106 -20.55 2.76 -4.16
CA ALA A 106 -21.54 3.24 -5.12
C ALA A 106 -21.09 2.88 -6.54
N ALA A 107 -19.77 2.84 -6.74
CA ALA A 107 -19.18 2.50 -8.03
C ALA A 107 -19.42 1.05 -8.42
N LYS A 108 -20.01 0.29 -7.51
CA LYS A 108 -20.39 -1.09 -7.78
C LYS A 108 -21.88 -1.26 -7.52
N ASP A 109 -22.63 -0.18 -7.70
CA ASP A 109 -24.08 -0.13 -7.52
C ASP A 109 -24.51 -0.61 -6.14
N ILE A 110 -23.71 -0.28 -5.13
CA ILE A 110 -24.01 -0.62 -3.75
C ILE A 110 -24.02 0.65 -2.91
N HIS A 111 -25.21 1.04 -2.45
CA HIS A 111 -25.38 2.37 -1.86
C HIS A 111 -25.86 2.30 -0.43
N ILE A 112 -25.53 1.21 0.26
CA ILE A 112 -25.99 1.00 1.62
C ILE A 112 -25.31 1.94 2.59
N TRP A 113 -24.31 2.68 2.12
CA TRP A 113 -23.59 3.64 2.95
C TRP A 113 -23.88 5.09 2.55
N ASP A 114 -24.88 5.27 1.70
CA ASP A 114 -25.29 6.62 1.27
C ASP A 114 -26.50 7.10 2.06
N THR A 132 -19.12 14.44 0.42
CA THR A 132 -19.32 13.38 -0.57
C THR A 132 -18.22 12.32 -0.49
N GLY A 133 -18.60 11.10 -0.10
CA GLY A 133 -17.66 10.00 -0.03
C GLY A 133 -17.10 9.77 1.37
N ASP A 134 -16.43 10.78 1.90
CA ASP A 134 -15.76 10.69 3.21
C ASP A 134 -16.75 10.32 4.31
N LEU A 135 -16.56 9.13 4.89
CA LEU A 135 -17.42 8.66 5.96
C LEU A 135 -16.78 8.82 7.34
N GLY A 136 -15.53 9.26 7.35
CA GLY A 136 -14.79 9.33 8.59
C GLY A 136 -14.09 8.01 8.83
N PRO A 137 -13.24 7.95 9.87
CA PRO A 137 -12.42 6.78 10.22
C PRO A 137 -13.22 5.56 10.68
N ILE A 138 -13.96 4.94 9.77
CA ILE A 138 -14.80 3.79 10.12
C ILE A 138 -14.02 2.48 10.13
N TYR A 139 -14.75 1.38 10.01
CA TYR A 139 -14.20 0.02 10.14
C TYR A 139 -12.91 -0.19 9.37
N GLY A 140 -12.88 0.21 8.10
CA GLY A 140 -11.72 0.01 7.26
C GLY A 140 -10.48 0.65 7.83
N PHE A 141 -10.63 1.86 8.38
CA PHE A 141 -9.50 2.60 8.93
C PHE A 141 -9.08 2.04 10.28
N GLN A 142 -10.02 1.40 10.97
CA GLN A 142 -9.73 0.81 12.28
C GLN A 142 -9.15 -0.59 12.12
N TRP A 143 -9.63 -1.34 11.12
CA TRP A 143 -9.12 -2.68 10.88
C TRP A 143 -7.65 -2.67 10.46
N ARG A 144 -7.26 -1.71 9.64
CA ARG A 144 -5.93 -1.74 9.03
C ARG A 144 -4.99 -0.66 9.55
N HIS A 145 -5.56 0.40 10.12
CA HIS A 145 -4.75 1.56 10.50
C HIS A 145 -5.13 2.13 11.86
N PHE A 146 -5.52 1.27 12.79
CA PHE A 146 -5.90 1.69 14.14
C PHE A 146 -4.81 2.54 14.78
N GLY A 147 -5.19 3.72 15.26
CA GLY A 147 -4.27 4.57 15.98
C GLY A 147 -3.53 5.55 15.09
N ALA A 148 -3.90 5.60 13.81
CA ALA A 148 -3.32 6.55 12.88
C ALA A 148 -4.14 7.83 12.83
N GLU A 149 -3.52 8.93 12.42
CA GLU A 149 -4.18 10.21 12.38
C GLU A 149 -5.02 10.34 11.10
N TYR A 150 -6.34 10.38 11.27
CA TYR A 150 -7.24 10.45 10.12
C TYR A 150 -7.33 11.85 9.57
N LYS A 151 -7.31 11.96 8.24
CA LYS A 151 -7.49 13.24 7.56
C LYS A 151 -8.77 13.19 6.73
N ASP A 152 -8.74 12.38 5.67
CA ASP A 152 -9.93 12.13 4.85
C ASP A 152 -9.83 10.79 4.13
N CYS A 153 -10.84 10.49 3.32
CA CYS A 153 -10.94 9.19 2.67
C CYS A 153 -9.96 9.01 1.54
N GLN A 154 -9.34 10.12 1.13
CA GLN A 154 -8.43 10.08 -0.01
C GLN A 154 -6.96 10.07 0.38
N SER A 155 -6.68 10.47 1.62
CA SER A 155 -5.31 10.47 2.11
C SER A 155 -4.78 9.05 2.27
N ASN A 156 -3.46 8.94 2.39
CA ASN A 156 -2.84 7.63 2.55
C ASN A 156 -2.50 7.33 4.00
N TYR A 157 -2.83 6.10 4.43
CA TYR A 157 -2.58 5.70 5.80
C TYR A 157 -1.74 4.43 5.88
N LEU A 158 -1.22 3.99 4.74
CA LEU A 158 -0.41 2.77 4.70
C LEU A 158 0.82 2.92 5.59
N GLN A 159 1.17 1.84 6.27
CA GLN A 159 2.28 1.78 7.23
C GLN A 159 2.03 2.64 8.49
N GLN A 160 0.94 3.39 8.48
CA GLN A 160 0.52 4.13 9.67
C GLN A 160 -0.50 3.34 10.47
N GLY A 161 -0.53 3.56 11.78
CA GLY A 161 -1.45 2.85 12.65
C GLY A 161 -1.09 1.38 12.75
N ILE A 162 -1.99 0.58 13.31
CA ILE A 162 -1.74 -0.84 13.49
C ILE A 162 -2.68 -1.71 12.67
N ASP A 163 -2.09 -2.54 11.81
CA ASP A 163 -2.85 -3.44 10.96
C ASP A 163 -3.35 -4.66 11.73
N GLN A 164 -4.50 -4.52 12.38
CA GLN A 164 -5.06 -5.59 13.19
C GLN A 164 -5.38 -6.83 12.35
N LEU A 165 -5.93 -6.62 11.17
CA LEU A 165 -6.32 -7.71 10.30
C LEU A 165 -5.16 -8.62 9.92
N GLN A 166 -4.04 -8.03 9.51
CA GLN A 166 -2.88 -8.83 9.10
C GLN A 166 -2.17 -9.40 10.32
N THR A 167 -2.25 -8.67 11.44
CA THR A 167 -1.67 -9.15 12.71
C THR A 167 -2.32 -10.45 13.16
N VAL A 168 -3.66 -10.51 13.13
CA VAL A 168 -4.34 -11.71 13.57
C VAL A 168 -4.06 -12.83 12.58
N ILE A 169 -3.83 -12.47 11.32
CA ILE A 169 -3.48 -13.45 10.30
C ILE A 169 -2.11 -14.06 10.58
N ASP A 170 -1.13 -13.19 10.83
CA ASP A 170 0.22 -13.61 11.16
C ASP A 170 0.25 -14.47 12.42
N THR A 171 -0.51 -14.05 13.42
CA THR A 171 -0.57 -14.77 14.69
C THR A 171 -1.15 -16.17 14.52
N ILE A 172 -2.14 -16.31 13.64
CA ILE A 172 -2.74 -17.62 13.40
C ILE A 172 -1.72 -18.62 12.84
N LYS A 173 -0.84 -18.15 11.96
CA LYS A 173 0.20 -18.99 11.38
C LYS A 173 1.34 -19.27 12.37
N THR A 174 1.49 -18.39 13.35
CA THR A 174 2.60 -18.44 14.30
C THR A 174 2.17 -18.97 15.66
N ASN A 175 1.23 -18.28 16.29
CA ASN A 175 0.75 -18.63 17.62
C ASN A 175 -0.76 -18.88 17.62
N PRO A 176 -1.21 -19.99 17.01
CA PRO A 176 -2.64 -20.26 16.89
C PRO A 176 -3.34 -20.51 18.23
N GLU A 177 -2.54 -20.68 19.29
CA GLU A 177 -3.08 -20.92 20.63
C GLU A 177 -3.34 -19.58 21.34
N SER A 178 -3.01 -18.50 20.66
CA SER A 178 -3.16 -17.14 21.19
C SER A 178 -4.63 -16.82 21.53
N ARG A 179 -4.84 -16.12 22.64
CA ARG A 179 -6.18 -15.67 23.01
C ARG A 179 -6.28 -14.16 22.84
N ARG A 180 -5.35 -13.60 22.05
CA ARG A 180 -5.25 -12.17 21.89
C ARG A 180 -5.50 -11.72 20.45
N MET A 181 -5.98 -12.63 19.61
CA MET A 181 -6.24 -12.35 18.21
C MET A 181 -7.55 -11.57 18.02
N ILE A 182 -7.48 -10.28 18.30
CA ILE A 182 -8.66 -9.42 18.35
C ILE A 182 -8.61 -8.25 17.35
N ILE A 183 -9.72 -8.00 16.66
CA ILE A 183 -9.86 -6.83 15.82
C ILE A 183 -10.91 -5.88 16.41
N SER A 184 -10.47 -4.74 16.93
CA SER A 184 -11.39 -3.77 17.54
C SER A 184 -11.62 -2.55 16.66
N SER A 185 -12.88 -2.18 16.50
CA SER A 185 -13.26 -1.01 15.72
C SER A 185 -13.64 0.16 16.62
N TRP A 186 -13.54 -0.03 17.92
CA TRP A 186 -13.99 0.99 18.86
C TRP A 186 -12.85 1.89 19.31
N ASN A 187 -12.78 3.08 18.72
CA ASN A 187 -11.76 4.05 19.06
C ASN A 187 -12.38 5.37 19.47
N PRO A 188 -12.58 5.57 20.79
CA PRO A 188 -13.17 6.77 21.39
C PRO A 188 -12.63 8.06 20.79
N LYS A 189 -11.36 8.06 20.39
CA LYS A 189 -10.78 9.22 19.75
C LYS A 189 -11.45 9.50 18.40
N ASP A 190 -11.48 8.48 17.55
CA ASP A 190 -11.93 8.63 16.16
C ASP A 190 -13.44 8.54 15.99
N ILE A 191 -14.13 8.08 17.03
CA ILE A 191 -15.58 7.92 17.00
C ILE A 191 -16.37 9.22 16.73
N PRO A 192 -16.00 10.35 17.40
CA PRO A 192 -16.74 11.58 17.09
C PRO A 192 -16.57 12.09 15.66
N LEU A 193 -15.66 11.50 14.90
CA LEU A 193 -15.43 11.89 13.51
C LEU A 193 -16.02 10.87 12.54
N MET A 194 -16.58 9.79 13.08
CA MET A 194 -17.32 8.82 12.27
C MET A 194 -18.72 9.35 12.04
N VAL A 195 -19.28 9.04 10.86
CA VAL A 195 -20.66 9.40 10.61
C VAL A 195 -21.57 8.54 11.48
N LEU A 196 -21.09 7.34 11.80
CA LEU A 196 -21.82 6.39 12.63
C LEU A 196 -20.85 5.56 13.47
N PRO A 197 -21.08 5.50 14.78
CA PRO A 197 -20.28 4.66 15.68
C PRO A 197 -20.37 3.19 15.29
N PRO A 198 -19.31 2.41 15.53
CA PRO A 198 -19.30 1.02 15.10
C PRO A 198 -20.29 0.15 15.87
N CYS A 199 -21.17 -0.53 15.14
CA CYS A 199 -22.03 -1.53 15.75
C CYS A 199 -21.19 -2.75 16.14
N HIS A 200 -20.42 -3.26 15.19
CA HIS A 200 -19.53 -4.38 15.47
C HIS A 200 -18.24 -3.92 16.10
N THR A 201 -18.30 -3.75 17.43
CA THR A 201 -17.20 -3.15 18.18
C THR A 201 -15.91 -3.92 17.97
N LEU A 202 -15.94 -5.23 18.19
CA LEU A 202 -14.76 -6.05 17.94
C LEU A 202 -15.08 -7.50 17.63
N CYS A 203 -14.02 -8.28 17.44
CA CYS A 203 -14.15 -9.72 17.26
C CYS A 203 -12.87 -10.41 17.69
N GLN A 204 -12.98 -11.69 18.03
CA GLN A 204 -11.83 -12.48 18.46
C GLN A 204 -11.77 -13.82 17.72
N PHE A 205 -10.58 -14.14 17.18
CA PHE A 205 -10.41 -15.39 16.46
C PHE A 205 -9.83 -16.48 17.37
N TYR A 206 -10.08 -17.73 17.01
CA TYR A 206 -9.76 -18.85 17.88
C TYR A 206 -9.55 -20.12 17.05
N VAL A 207 -8.44 -20.81 17.30
CA VAL A 207 -8.13 -22.02 16.55
C VAL A 207 -8.19 -23.25 17.44
N ALA A 208 -8.84 -24.30 16.96
CA ALA A 208 -8.92 -25.58 17.66
C ALA A 208 -9.16 -26.72 16.67
N ASN A 209 -8.28 -27.71 16.69
CA ASN A 209 -8.35 -28.84 15.76
C ASN A 209 -8.33 -28.41 14.30
N GLY A 210 -7.50 -27.42 14.00
CA GLY A 210 -7.33 -26.97 12.63
C GLY A 210 -8.46 -26.12 12.09
N GLU A 211 -9.44 -25.79 12.94
CA GLU A 211 -10.58 -24.98 12.53
C GLU A 211 -10.48 -23.55 13.06
N LEU A 212 -11.01 -22.60 12.29
CA LEU A 212 -10.98 -21.19 12.67
C LEU A 212 -12.39 -20.70 13.06
N SER A 213 -12.50 -20.16 14.26
CA SER A 213 -13.77 -19.66 14.78
C SER A 213 -13.67 -18.19 15.17
N CYS A 214 -14.76 -17.46 14.99
CA CYS A 214 -14.76 -16.03 15.27
C CYS A 214 -15.97 -15.63 16.09
N GLN A 215 -15.73 -14.90 17.16
CA GLN A 215 -16.83 -14.33 17.93
C GLN A 215 -16.84 -12.83 17.76
N VAL A 216 -17.97 -12.28 17.32
CA VAL A 216 -18.06 -10.84 17.11
C VAL A 216 -19.04 -10.19 18.09
N TYR A 217 -18.62 -9.07 18.68
CA TYR A 217 -19.50 -8.34 19.58
C TYR A 217 -20.23 -7.22 18.84
N GLN A 218 -21.55 -7.37 18.70
CA GLN A 218 -22.38 -6.34 18.10
C GLN A 218 -23.17 -5.62 19.17
N ARG A 219 -22.86 -4.36 19.41
CA ARG A 219 -23.46 -3.60 20.49
C ARG A 219 -24.96 -3.35 20.27
N SER A 220 -25.35 -3.25 19.00
CA SER A 220 -26.70 -2.85 18.64
C SER A 220 -27.15 -3.62 17.41
N GLY A 221 -28.21 -4.39 17.55
CA GLY A 221 -28.65 -5.25 16.47
C GLY A 221 -30.09 -5.08 16.05
N ASP A 222 -30.28 -4.38 14.94
CA ASP A 222 -31.60 -4.33 14.31
C ASP A 222 -31.91 -5.67 13.68
N MET A 223 -32.78 -6.44 14.32
CA MET A 223 -33.10 -7.78 13.84
C MET A 223 -33.79 -7.74 12.48
N GLY A 224 -34.43 -6.60 12.20
CA GLY A 224 -35.23 -6.45 10.99
C GLY A 224 -34.42 -6.36 9.71
N LEU A 225 -33.24 -5.74 9.79
CA LEU A 225 -32.40 -5.55 8.62
C LEU A 225 -30.94 -5.90 8.89
N GLY A 226 -30.34 -5.21 9.85
CA GLY A 226 -28.92 -5.30 10.09
C GLY A 226 -28.38 -6.68 10.38
N VAL A 227 -28.88 -7.30 11.46
CA VAL A 227 -28.32 -8.56 11.97
C VAL A 227 -28.13 -9.65 10.90
N PRO A 228 -29.14 -9.90 10.06
CA PRO A 228 -28.87 -10.89 9.01
C PRO A 228 -27.68 -10.52 8.11
N PHE A 229 -27.66 -9.28 7.65
CA PHE A 229 -26.54 -8.79 6.83
C PHE A 229 -25.23 -8.89 7.61
N ASN A 230 -25.33 -8.69 8.92
CA ASN A 230 -24.17 -8.71 9.79
C ASN A 230 -23.63 -10.12 10.03
N ILE A 231 -24.55 -11.06 10.25
CA ILE A 231 -24.18 -12.45 10.46
C ILE A 231 -23.35 -12.97 9.29
N ALA A 232 -23.85 -12.75 8.08
CA ALA A 232 -23.17 -13.16 6.86
C ALA A 232 -21.89 -12.37 6.63
N GLY A 233 -21.82 -11.19 7.24
CA GLY A 233 -20.65 -10.34 7.13
C GLY A 233 -19.48 -10.92 7.90
N TYR A 234 -19.75 -11.44 9.09
CA TYR A 234 -18.69 -11.99 9.92
C TYR A 234 -18.53 -13.48 9.69
N ALA A 235 -19.52 -14.11 9.09
CA ALA A 235 -19.37 -15.50 8.68
C ALA A 235 -18.46 -15.56 7.47
N LEU A 236 -18.58 -14.53 6.62
CA LEU A 236 -17.79 -14.43 5.41
C LEU A 236 -16.35 -14.12 5.75
N LEU A 237 -16.17 -13.28 6.76
CA LEU A 237 -14.84 -12.90 7.24
C LEU A 237 -14.06 -14.13 7.69
N THR A 238 -14.71 -15.00 8.46
CA THR A 238 -14.06 -16.20 8.97
C THR A 238 -13.58 -17.07 7.82
N TYR A 239 -14.45 -17.22 6.82
CA TYR A 239 -14.11 -17.98 5.61
C TYR A 239 -12.88 -17.42 4.89
N ILE A 240 -12.76 -16.10 4.87
CA ILE A 240 -11.64 -15.43 4.23
C ILE A 240 -10.32 -15.65 4.98
N VAL A 241 -10.34 -15.41 6.29
CA VAL A 241 -9.13 -15.54 7.09
C VAL A 241 -8.71 -17.01 7.19
N ALA A 242 -9.70 -17.90 7.24
CA ALA A 242 -9.42 -19.33 7.24
C ALA A 242 -8.68 -19.75 5.98
N HIS A 243 -9.20 -19.31 4.83
CA HIS A 243 -8.64 -19.65 3.53
C HIS A 243 -7.18 -19.23 3.41
N VAL A 244 -6.91 -17.99 3.82
CA VAL A 244 -5.55 -17.45 3.79
C VAL A 244 -4.63 -18.25 4.70
N THR A 245 -5.08 -18.52 5.91
CA THR A 245 -4.30 -19.26 6.88
C THR A 245 -4.29 -20.76 6.59
N GLY A 246 -5.17 -21.21 5.70
CA GLY A 246 -5.23 -22.62 5.34
C GLY A 246 -6.06 -23.46 6.30
N LEU A 247 -6.61 -22.83 7.33
CA LEU A 247 -7.38 -23.55 8.33
C LEU A 247 -8.79 -23.86 7.85
N LYS A 248 -9.49 -24.66 8.65
CA LYS A 248 -10.89 -24.98 8.39
C LYS A 248 -11.78 -23.88 8.95
N THR A 249 -13.09 -24.09 8.90
CA THR A 249 -14.04 -23.14 9.46
C THR A 249 -14.81 -23.77 10.62
N GLY A 250 -14.66 -23.19 11.80
CA GLY A 250 -15.34 -23.69 12.99
C GLY A 250 -16.72 -23.09 13.14
N ASP A 251 -16.86 -22.21 14.13
CA ASP A 251 -18.14 -21.58 14.40
C ASP A 251 -18.05 -20.05 14.35
N LEU A 252 -19.12 -19.43 13.87
CA LEU A 252 -19.33 -18.01 14.09
C LEU A 252 -20.16 -17.85 15.36
N ILE A 253 -19.56 -17.22 16.38
CA ILE A 253 -20.29 -16.92 17.60
C ILE A 253 -20.74 -15.47 17.53
N HIS A 254 -22.05 -15.27 17.59
CA HIS A 254 -22.63 -13.94 17.41
C HIS A 254 -23.19 -13.39 18.71
N THR A 255 -22.46 -12.44 19.32
CA THR A 255 -22.89 -11.86 20.58
C THR A 255 -23.48 -10.45 20.39
N MET A 256 -24.61 -10.20 21.03
CA MET A 256 -25.29 -8.90 20.92
C MET A 256 -25.56 -8.23 22.26
N GLY A 257 -25.48 -6.91 22.26
CA GLY A 257 -25.86 -6.12 23.41
C GLY A 257 -27.34 -5.80 23.33
N ASP A 258 -27.67 -4.62 22.79
CA ASP A 258 -29.06 -4.22 22.60
C ASP A 258 -29.59 -4.86 21.33
N ALA A 259 -30.11 -6.08 21.47
CA ALA A 259 -30.81 -6.73 20.37
C ALA A 259 -32.25 -6.22 20.37
N HIS A 260 -32.63 -5.53 19.31
CA HIS A 260 -33.94 -4.87 19.29
C HIS A 260 -34.70 -5.01 17.98
N ILE A 261 -35.98 -4.67 18.03
CA ILE A 261 -36.86 -4.68 16.87
C ILE A 261 -37.66 -3.38 16.80
N TYR A 262 -37.61 -2.70 15.66
CA TYR A 262 -38.40 -1.48 15.47
C TYR A 262 -39.90 -1.80 15.43
N LEU A 263 -40.73 -0.85 15.86
CA LEU A 263 -42.16 -1.07 15.96
C LEU A 263 -42.90 -1.09 14.61
N ASN A 264 -42.18 -0.78 13.53
CA ASN A 264 -42.72 -0.99 12.19
C ASN A 264 -42.56 -2.43 11.76
N HIS A 265 -41.45 -3.02 12.18
CA HIS A 265 -41.00 -4.28 11.62
C HIS A 265 -41.67 -5.47 12.27
N ILE A 266 -42.42 -5.21 13.34
CA ILE A 266 -43.07 -6.28 14.09
C ILE A 266 -43.94 -7.17 13.20
N ASP A 267 -44.83 -6.57 12.42
CA ASP A 267 -45.68 -7.33 11.53
C ASP A 267 -44.85 -8.05 10.47
N ALA A 268 -43.89 -7.33 9.88
CA ALA A 268 -43.05 -7.88 8.82
C ALA A 268 -42.11 -8.95 9.33
N LEU A 269 -41.94 -9.01 10.64
CA LEU A 269 -41.15 -10.06 11.27
C LEU A 269 -42.06 -11.18 11.75
N LYS A 270 -43.32 -10.87 12.01
CA LYS A 270 -44.29 -11.88 12.39
C LYS A 270 -44.60 -12.77 11.20
N VAL A 271 -44.48 -12.18 10.00
CA VAL A 271 -44.61 -12.90 8.75
C VAL A 271 -43.42 -13.84 8.52
N GLN A 272 -42.22 -13.29 8.66
CA GLN A 272 -40.99 -14.05 8.44
C GLN A 272 -40.88 -15.24 9.41
N LEU A 273 -41.35 -15.05 10.64
CA LEU A 273 -41.32 -16.12 11.62
C LEU A 273 -42.30 -17.23 11.29
N ALA A 274 -43.29 -16.92 10.46
CA ALA A 274 -44.26 -17.92 10.02
C ALA A 274 -43.59 -18.89 9.05
N ARG A 275 -42.67 -18.37 8.25
CA ARG A 275 -41.95 -19.17 7.25
C ARG A 275 -41.06 -20.24 7.89
N SER A 276 -40.90 -21.35 7.19
CA SER A 276 -40.01 -22.41 7.61
C SER A 276 -38.62 -22.20 7.03
N PRO A 277 -37.59 -22.30 7.89
CA PRO A 277 -36.20 -22.16 7.46
C PRO A 277 -35.81 -23.22 6.43
N LYS A 278 -34.81 -22.90 5.61
CA LYS A 278 -34.30 -23.83 4.61
C LYS A 278 -32.81 -24.04 4.83
N PRO A 279 -32.29 -25.21 4.42
CA PRO A 279 -30.86 -25.54 4.56
C PRO A 279 -29.94 -24.41 4.08
N PHE A 280 -28.97 -24.06 4.92
CA PHE A 280 -28.02 -23.01 4.60
C PHE A 280 -27.23 -23.34 3.33
N PRO A 281 -26.80 -22.31 2.61
CA PRO A 281 -25.99 -22.48 1.39
C PRO A 281 -24.59 -23.02 1.66
N CYS A 282 -23.84 -23.29 0.61
CA CYS A 282 -22.45 -23.69 0.74
C CYS A 282 -21.53 -22.74 -0.02
N LEU A 283 -20.72 -21.98 0.72
CA LEU A 283 -19.82 -21.04 0.08
C LEU A 283 -18.50 -21.72 -0.27
N LYS A 284 -18.05 -21.51 -1.50
CA LYS A 284 -16.78 -22.05 -1.98
C LYS A 284 -15.87 -20.94 -2.51
N ILE A 285 -14.66 -20.85 -1.96
CA ILE A 285 -13.64 -19.96 -2.46
C ILE A 285 -12.92 -20.65 -3.62
N ILE A 286 -13.29 -20.23 -4.82
CA ILE A 286 -12.98 -20.95 -6.05
C ILE A 286 -11.51 -20.81 -6.47
N ARG A 287 -10.83 -19.78 -5.99
CA ARG A 287 -9.40 -19.64 -6.26
C ARG A 287 -8.56 -19.74 -4.99
N ASN A 288 -7.31 -20.19 -5.14
CA ASN A 288 -6.40 -20.30 -4.00
C ASN A 288 -5.67 -19.00 -3.72
N VAL A 289 -6.30 -18.14 -2.92
CA VAL A 289 -5.77 -16.82 -2.60
C VAL A 289 -4.85 -16.85 -1.40
N THR A 290 -3.68 -16.21 -1.52
CA THR A 290 -2.69 -16.18 -0.44
C THR A 290 -2.66 -14.81 0.23
N ASP A 291 -3.03 -13.79 -0.53
CA ASP A 291 -3.01 -12.42 -0.05
C ASP A 291 -4.40 -11.97 0.38
N ILE A 292 -4.51 -11.47 1.61
CA ILE A 292 -5.79 -10.97 2.13
C ILE A 292 -6.37 -9.87 1.23
N ASN A 293 -5.49 -9.14 0.55
CA ASN A 293 -5.93 -8.06 -0.34
C ASN A 293 -6.16 -8.53 -1.77
N ASP A 294 -5.99 -9.83 -2.00
CA ASP A 294 -6.09 -10.39 -3.34
C ASP A 294 -7.42 -11.10 -3.57
N PHE A 295 -8.44 -10.69 -2.83
CA PHE A 295 -9.76 -11.30 -2.96
C PHE A 295 -10.67 -10.45 -3.84
N LYS A 296 -11.38 -11.09 -4.75
CA LYS A 296 -12.34 -10.40 -5.60
C LYS A 296 -13.69 -11.12 -5.58
N TRP A 297 -14.72 -10.40 -5.97
CA TRP A 297 -16.08 -10.92 -6.00
C TRP A 297 -16.20 -12.21 -6.83
N ASP A 298 -15.31 -12.36 -7.82
CA ASP A 298 -15.35 -13.51 -8.73
C ASP A 298 -14.78 -14.76 -8.07
N ASP A 299 -14.16 -14.60 -6.90
CA ASP A 299 -13.50 -15.72 -6.21
C ASP A 299 -14.46 -16.46 -5.29
N PHE A 300 -15.71 -15.99 -5.21
CA PHE A 300 -16.69 -16.61 -4.34
C PHE A 300 -17.81 -17.27 -5.13
N GLN A 301 -18.11 -18.51 -4.77
CA GLN A 301 -19.23 -19.22 -5.36
C GLN A 301 -20.24 -19.63 -4.28
N LEU A 302 -21.41 -18.99 -4.30
CA LEU A 302 -22.47 -19.30 -3.35
C LEU A 302 -23.46 -20.32 -3.94
N ASP A 303 -23.48 -21.51 -3.36
CA ASP A 303 -24.31 -22.59 -3.89
C ASP A 303 -25.48 -22.92 -2.98
N GLY A 304 -26.63 -23.22 -3.57
CA GLY A 304 -27.77 -23.70 -2.84
C GLY A 304 -28.45 -22.71 -1.93
N TYR A 305 -28.65 -21.48 -2.42
CA TYR A 305 -29.35 -20.45 -1.66
C TYR A 305 -30.75 -20.22 -2.24
N ASN A 306 -31.76 -20.70 -1.51
CA ASN A 306 -33.15 -20.59 -1.97
C ASN A 306 -34.01 -19.83 -0.97
N PRO A 307 -33.84 -18.50 -0.92
CA PRO A 307 -34.55 -17.68 0.06
C PRO A 307 -36.02 -17.51 -0.28
N HIS A 308 -36.80 -17.02 0.68
CA HIS A 308 -38.21 -16.76 0.48
C HIS A 308 -38.43 -15.39 -0.14
N PRO A 309 -39.54 -15.22 -0.89
CA PRO A 309 -39.88 -13.94 -1.51
C PRO A 309 -40.06 -12.82 -0.48
N GLY B 28 -38.33 -19.59 34.32
CA GLY B 28 -37.05 -19.81 33.69
C GLY B 28 -36.64 -21.27 33.69
N PHE B 29 -36.27 -21.78 32.52
CA PHE B 29 -35.83 -23.17 32.40
C PHE B 29 -34.37 -23.20 31.99
N THR B 30 -33.76 -22.01 31.89
CA THR B 30 -32.36 -21.85 31.59
C THR B 30 -31.62 -21.42 32.86
N LEU B 31 -30.41 -21.95 33.06
CA LEU B 31 -29.63 -21.64 34.27
C LEU B 31 -29.12 -20.21 34.28
N THR B 32 -28.92 -19.67 35.47
CA THR B 32 -28.29 -18.37 35.64
C THR B 32 -27.26 -18.45 36.76
N GLY B 33 -26.77 -17.29 37.19
CA GLY B 33 -25.89 -17.20 38.36
C GLY B 33 -24.77 -18.22 38.43
N GLU B 34 -24.52 -18.71 39.64
CA GLU B 34 -23.39 -19.61 39.88
C GLU B 34 -23.64 -21.00 39.29
N LEU B 35 -24.89 -21.27 38.96
CA LEU B 35 -25.24 -22.53 38.34
C LEU B 35 -24.73 -22.57 36.90
N GLN B 36 -24.87 -21.45 36.21
CA GLN B 36 -24.39 -21.36 34.84
C GLN B 36 -22.86 -21.38 34.81
N TYR B 37 -22.23 -20.68 35.74
CA TYR B 37 -20.77 -20.72 35.87
C TYR B 37 -20.27 -22.15 36.02
N LEU B 38 -20.87 -22.87 36.95
CA LEU B 38 -20.55 -24.28 37.15
C LEU B 38 -20.95 -25.09 35.91
N LYS B 39 -22.02 -24.68 35.24
CA LYS B 39 -22.44 -25.33 34.00
C LYS B 39 -21.38 -25.15 32.93
N GLN B 40 -20.69 -24.02 33.00
CA GLN B 40 -19.65 -23.67 32.05
C GLN B 40 -18.37 -24.47 32.29
N VAL B 41 -17.92 -24.54 33.54
CA VAL B 41 -16.71 -25.32 33.85
C VAL B 41 -16.94 -26.80 33.51
N ASP B 42 -18.16 -27.29 33.69
CA ASP B 42 -18.48 -28.68 33.41
C ASP B 42 -18.30 -28.99 31.93
N ASP B 43 -18.86 -28.14 31.08
CA ASP B 43 -18.74 -28.30 29.62
C ASP B 43 -17.29 -28.24 29.16
N ILE B 44 -16.49 -27.39 29.78
CA ILE B 44 -15.07 -27.32 29.45
C ILE B 44 -14.36 -28.61 29.90
N LEU B 45 -14.93 -29.30 30.89
CA LEU B 45 -14.34 -30.54 31.37
C LEU B 45 -14.72 -31.75 30.49
N ARG B 46 -15.90 -31.72 29.87
CA ARG B 46 -16.31 -32.83 29.03
C ARG B 46 -16.10 -32.57 27.53
N TYR B 47 -16.26 -31.31 27.12
CA TYR B 47 -16.16 -30.97 25.71
C TYR B 47 -14.98 -30.05 25.40
N GLY B 48 -14.25 -29.65 26.43
CA GLY B 48 -13.14 -28.74 26.26
C GLY B 48 -12.00 -29.32 25.46
N VAL B 49 -11.20 -28.46 24.85
CA VAL B 49 -10.11 -28.91 23.99
C VAL B 49 -8.74 -28.65 24.62
N ARG B 50 -7.90 -29.68 24.68
CA ARG B 50 -6.56 -29.54 25.23
C ARG B 50 -5.64 -28.79 24.26
N LYS B 51 -5.08 -27.69 24.73
CA LYS B 51 -4.20 -26.87 23.91
C LYS B 51 -2.97 -26.42 24.68
N ARG B 52 -1.85 -26.24 23.98
CA ARG B 52 -0.63 -25.77 24.62
C ARG B 52 -0.68 -24.26 24.83
N ASP B 53 -0.63 -23.85 26.10
CA ASP B 53 -0.83 -22.46 26.49
C ASP B 53 0.48 -21.67 26.53
N ARG B 54 0.36 -20.36 26.35
CA ARG B 54 1.45 -19.40 26.48
C ARG B 54 2.32 -19.63 27.72
N THR B 55 1.69 -19.94 28.85
CA THR B 55 2.39 -20.10 30.12
C THR B 55 3.18 -21.40 30.20
N GLY B 56 2.95 -22.30 29.24
CA GLY B 56 3.66 -23.56 29.19
C GLY B 56 2.81 -24.73 29.63
N ILE B 57 2.01 -24.52 30.67
CA ILE B 57 1.11 -25.55 31.15
C ILE B 57 -0.14 -25.61 30.28
N GLY B 58 -0.64 -26.81 30.03
CA GLY B 58 -1.80 -26.98 29.18
C GLY B 58 -3.11 -26.53 29.80
N THR B 59 -4.11 -26.29 28.95
CA THR B 59 -5.45 -25.92 29.41
C THR B 59 -6.53 -26.60 28.57
N LEU B 60 -7.70 -26.82 29.19
CA LEU B 60 -8.90 -27.23 28.46
C LEU B 60 -9.66 -25.98 28.03
N SER B 61 -10.04 -25.93 26.75
CA SER B 61 -10.56 -24.69 26.19
C SER B 61 -11.87 -24.84 25.40
N LEU B 62 -12.78 -23.89 25.61
CA LEU B 62 -13.95 -23.74 24.76
C LEU B 62 -14.06 -22.26 24.35
N PHE B 63 -14.76 -22.00 23.25
CA PHE B 63 -14.80 -20.65 22.72
C PHE B 63 -16.23 -20.14 22.57
N GLY B 64 -16.46 -18.93 23.08
CA GLY B 64 -17.75 -18.30 22.97
C GLY B 64 -18.74 -18.86 23.97
N MET B 65 -18.85 -18.19 25.10
CA MET B 65 -19.80 -18.55 26.12
C MET B 65 -20.52 -17.29 26.58
N GLN B 66 -21.65 -17.48 27.26
CA GLN B 66 -22.37 -16.35 27.83
C GLN B 66 -23.20 -16.77 29.03
N ALA B 67 -23.07 -16.01 30.10
CA ALA B 67 -23.81 -16.27 31.33
C ALA B 67 -24.45 -15.00 31.84
N ARG B 68 -25.69 -15.12 32.31
CA ARG B 68 -26.44 -14.00 32.88
C ARG B 68 -26.43 -14.09 34.40
N TYR B 69 -26.12 -12.97 35.05
CA TYR B 69 -26.11 -12.90 36.52
C TYR B 69 -27.04 -11.78 36.99
N ASN B 70 -28.14 -12.16 37.65
CA ASN B 70 -29.10 -11.17 38.15
C ASN B 70 -28.49 -10.29 39.23
N LEU B 71 -28.77 -8.99 39.16
CA LEU B 71 -28.23 -8.03 40.12
C LEU B 71 -29.33 -7.47 41.02
N ARG B 72 -30.57 -7.87 40.74
CA ARG B 72 -31.72 -7.40 41.51
C ARG B 72 -31.83 -8.09 42.86
N ASN B 73 -31.53 -7.34 43.91
CA ASN B 73 -31.65 -7.78 45.30
C ASN B 73 -30.66 -8.88 45.71
N GLU B 74 -29.55 -8.99 44.96
CA GLU B 74 -28.47 -9.90 45.32
C GLU B 74 -27.20 -9.58 44.56
N PHE B 75 -26.06 -9.98 45.12
CA PHE B 75 -24.77 -9.73 44.48
C PHE B 75 -24.11 -11.04 44.05
N PRO B 76 -23.82 -11.17 42.73
CA PRO B 76 -23.23 -12.39 42.19
C PRO B 76 -21.78 -12.57 42.62
N LEU B 77 -21.57 -12.90 43.89
CA LEU B 77 -20.25 -13.24 44.42
C LEU B 77 -20.22 -14.75 44.65
N LEU B 78 -19.43 -15.47 43.86
CA LEU B 78 -19.48 -16.94 43.85
C LEU B 78 -19.23 -17.55 45.23
N THR B 79 -19.96 -18.63 45.53
CA THR B 79 -20.01 -19.18 46.88
C THR B 79 -19.41 -20.58 46.98
N THR B 80 -19.28 -21.26 45.84
CA THR B 80 -18.70 -22.59 45.82
C THR B 80 -17.21 -22.56 46.18
N LYS B 81 -16.59 -21.39 45.99
CA LYS B 81 -15.26 -21.15 46.51
C LYS B 81 -15.10 -19.66 46.78
N ARG B 82 -14.54 -19.32 47.93
CA ARG B 82 -14.44 -17.94 48.39
C ARG B 82 -13.72 -17.01 47.40
N VAL B 83 -14.29 -15.83 47.20
CA VAL B 83 -13.70 -14.79 46.36
C VAL B 83 -13.13 -13.68 47.25
N PHE B 84 -11.91 -13.22 46.96
CA PHE B 84 -11.31 -12.17 47.77
C PHE B 84 -12.03 -10.86 47.50
N TRP B 85 -13.09 -10.62 48.25
CA TRP B 85 -13.98 -9.50 48.05
C TRP B 85 -13.29 -8.14 48.18
N ARG B 86 -12.38 -8.01 49.14
CA ARG B 86 -11.76 -6.71 49.39
C ARG B 86 -10.79 -6.32 48.27
N ALA B 87 -10.17 -7.31 47.64
CA ALA B 87 -9.28 -7.04 46.52
C ALA B 87 -10.11 -6.54 45.36
N VAL B 88 -11.28 -7.15 45.18
CA VAL B 88 -12.20 -6.77 44.11
C VAL B 88 -12.57 -5.31 44.24
N VAL B 89 -12.95 -4.91 45.45
CA VAL B 89 -13.30 -3.52 45.71
C VAL B 89 -12.14 -2.59 45.39
N GLU B 90 -11.00 -2.83 46.05
CA GLU B 90 -9.85 -1.94 45.95
C GLU B 90 -9.31 -1.84 44.53
N GLU B 91 -9.38 -2.94 43.78
CA GLU B 91 -8.92 -2.95 42.40
C GLU B 91 -9.79 -2.04 41.54
N LEU B 92 -11.10 -2.10 41.76
CA LEU B 92 -12.02 -1.28 40.99
C LEU B 92 -11.74 0.21 41.22
N LEU B 93 -11.63 0.60 42.48
CA LEU B 93 -11.34 2.00 42.83
C LEU B 93 -9.97 2.38 42.27
N TRP B 94 -9.07 1.40 42.23
CA TRP B 94 -7.76 1.54 41.64
C TRP B 94 -7.86 1.79 40.12
N PHE B 95 -8.78 1.10 39.46
CA PHE B 95 -9.09 1.36 38.05
C PHE B 95 -9.71 2.74 37.87
N ILE B 96 -10.68 3.05 38.73
CA ILE B 96 -11.46 4.28 38.62
C ILE B 96 -10.57 5.54 38.72
N ARG B 97 -9.58 5.51 39.61
CA ARG B 97 -8.70 6.66 39.76
C ARG B 97 -7.64 6.71 38.67
N GLY B 98 -7.79 5.87 37.65
CA GLY B 98 -6.89 5.86 36.51
C GLY B 98 -5.53 5.28 36.82
N SER B 99 -5.34 4.82 38.06
CA SER B 99 -4.05 4.32 38.51
C SER B 99 -3.58 3.08 37.74
N THR B 100 -2.27 2.94 37.63
CA THR B 100 -1.64 1.76 37.02
C THR B 100 -0.40 1.36 37.80
N ASP B 101 -0.29 1.89 39.02
CA ASP B 101 0.83 1.60 39.91
C ASP B 101 0.43 0.54 40.92
N SER B 102 0.93 -0.68 40.69
CA SER B 102 0.60 -1.83 41.52
C SER B 102 0.97 -1.62 43.00
N LYS B 103 1.91 -0.72 43.25
CA LYS B 103 2.36 -0.44 44.61
C LYS B 103 1.23 0.06 45.50
N GLU B 104 0.28 0.79 44.90
CA GLU B 104 -0.85 1.35 45.63
C GLU B 104 -1.76 0.24 46.17
N LEU B 105 -1.91 -0.82 45.40
CA LEU B 105 -2.69 -1.97 45.86
C LEU B 105 -1.92 -2.71 46.95
N ALA B 106 -0.63 -2.88 46.74
CA ALA B 106 0.25 -3.56 47.69
C ALA B 106 0.38 -2.76 48.97
N ALA B 107 0.20 -1.45 48.86
CA ALA B 107 0.13 -0.57 50.02
C ALA B 107 -1.14 -0.82 50.84
N LYS B 108 -2.06 -1.60 50.27
CA LYS B 108 -3.29 -1.98 50.97
C LYS B 108 -3.41 -3.49 51.11
N ASP B 109 -2.27 -4.17 51.12
CA ASP B 109 -2.20 -5.64 51.28
C ASP B 109 -2.92 -6.40 50.17
N ILE B 110 -3.16 -5.73 49.05
CA ILE B 110 -3.70 -6.35 47.84
C ILE B 110 -2.55 -6.64 46.88
N HIS B 111 -2.15 -7.90 46.80
CA HIS B 111 -0.92 -8.23 46.07
C HIS B 111 -1.16 -9.03 44.79
N ILE B 112 -2.30 -8.81 44.15
CA ILE B 112 -2.67 -9.57 42.97
C ILE B 112 -1.87 -9.12 41.74
N TRP B 113 -1.49 -7.85 41.73
CA TRP B 113 -0.75 -7.25 40.62
C TRP B 113 0.73 -7.09 40.92
N ASP B 114 1.14 -7.59 42.09
CA ASP B 114 2.52 -7.44 42.55
C ASP B 114 3.54 -8.14 41.63
N ILE B 115 3.17 -9.31 41.12
CA ILE B 115 4.03 -10.07 40.25
C ILE B 115 4.39 -9.29 38.99
N TYR B 116 3.39 -8.67 38.37
CA TYR B 116 3.60 -7.91 37.15
C TYR B 116 4.26 -6.58 37.44
N GLY B 117 4.16 -6.11 38.69
CA GLY B 117 4.81 -4.88 39.09
C GLY B 117 6.24 -5.12 39.58
N SER B 118 6.52 -6.36 39.98
CA SER B 118 7.83 -6.71 40.52
C SER B 118 8.96 -6.46 39.54
N SER B 119 10.13 -6.15 40.08
CA SER B 119 11.31 -5.84 39.26
C SER B 119 11.77 -7.04 38.43
N LYS B 120 11.62 -8.25 38.97
CA LYS B 120 12.06 -9.45 38.27
C LYS B 120 11.28 -9.64 36.98
N PHE B 121 9.98 -9.39 37.03
CA PHE B 121 9.14 -9.54 35.85
C PHE B 121 9.41 -8.46 34.80
N LEU B 122 9.55 -7.22 35.26
CA LEU B 122 9.71 -6.09 34.35
C LEU B 122 10.97 -6.20 33.50
N ASN B 123 12.07 -6.65 34.10
CA ASN B 123 13.32 -6.76 33.37
C ASN B 123 13.32 -7.95 32.40
N ARG B 124 12.77 -9.07 32.84
CA ARG B 124 12.70 -10.27 32.01
C ARG B 124 11.71 -10.11 30.85
N ASN B 125 10.95 -9.03 30.84
CA ASN B 125 9.94 -8.82 29.81
C ASN B 125 10.09 -7.49 29.07
N GLY B 126 11.32 -7.01 28.97
CA GLY B 126 11.64 -5.84 28.17
C GLY B 126 11.33 -4.48 28.78
N PHE B 127 10.77 -4.47 29.98
CA PHE B 127 10.43 -3.22 30.65
C PHE B 127 11.48 -2.86 31.69
N HIS B 128 12.74 -2.90 31.29
CA HIS B 128 13.84 -2.69 32.22
C HIS B 128 13.98 -1.22 32.60
N LYS B 129 13.46 -0.32 31.78
CA LYS B 129 13.61 1.10 32.09
C LYS B 129 12.52 1.59 33.06
N ARG B 130 11.36 0.94 33.01
CA ARG B 130 10.27 1.30 33.92
C ARG B 130 10.62 0.94 35.37
N HIS B 131 10.12 1.73 36.32
CA HIS B 131 10.38 1.48 37.73
C HIS B 131 9.40 0.47 38.31
N THR B 132 9.70 -0.02 39.52
CA THR B 132 8.88 -1.07 40.14
C THR B 132 7.43 -0.64 40.34
N GLY B 133 6.52 -1.48 39.86
CA GLY B 133 5.10 -1.24 40.03
C GLY B 133 4.45 -0.71 38.78
N ASP B 134 5.25 -0.11 37.91
CA ASP B 134 4.76 0.46 36.66
C ASP B 134 4.18 -0.63 35.76
N LEU B 135 2.85 -0.75 35.77
CA LEU B 135 2.15 -1.76 35.01
C LEU B 135 1.88 -1.36 33.57
N GLY B 136 2.21 -0.12 33.23
CA GLY B 136 1.96 0.39 31.89
C GLY B 136 0.53 0.87 31.75
N PRO B 137 0.09 1.12 30.51
CA PRO B 137 -1.24 1.67 30.25
C PRO B 137 -2.34 0.63 30.44
N ILE B 138 -2.48 0.14 31.66
CA ILE B 138 -3.44 -0.91 31.99
C ILE B 138 -4.83 -0.29 32.23
N TYR B 139 -5.86 -1.13 32.20
CA TYR B 139 -7.27 -0.75 32.36
C TYR B 139 -7.56 0.68 32.83
N GLY B 140 -7.15 0.98 34.06
CA GLY B 140 -7.41 2.28 34.67
C GLY B 140 -7.04 3.46 33.79
N PHE B 141 -5.91 3.32 33.08
CA PHE B 141 -5.45 4.37 32.19
C PHE B 141 -6.38 4.49 30.98
N GLN B 142 -6.72 3.36 30.38
CA GLN B 142 -7.62 3.33 29.22
C GLN B 142 -9.04 3.78 29.58
N TRP B 143 -9.45 3.53 30.81
CA TRP B 143 -10.80 3.89 31.27
C TRP B 143 -10.98 5.41 31.36
N ARG B 144 -9.99 6.08 31.92
CA ARG B 144 -10.13 7.50 32.21
C ARG B 144 -9.42 8.38 31.19
N HIS B 145 -8.37 7.86 30.54
CA HIS B 145 -7.62 8.64 29.56
C HIS B 145 -7.25 7.83 28.32
N PHE B 146 -8.25 7.26 27.65
CA PHE B 146 -8.03 6.54 26.40
C PHE B 146 -7.49 7.48 25.31
N GLY B 147 -6.31 7.16 24.79
CA GLY B 147 -5.76 7.93 23.69
C GLY B 147 -4.58 8.81 24.10
N ALA B 148 -4.50 9.16 25.38
CA ALA B 148 -3.37 9.90 25.89
C ALA B 148 -2.07 9.15 25.63
N GLU B 149 -0.96 9.87 25.53
CA GLU B 149 0.33 9.21 25.36
C GLU B 149 0.88 8.94 26.75
N TYR B 150 1.09 7.66 27.02
CA TYR B 150 1.46 7.18 28.35
C TYR B 150 2.93 7.47 28.66
N LYS B 151 3.19 7.89 29.89
CA LYS B 151 4.56 8.12 30.32
C LYS B 151 4.95 7.09 31.38
N ASP B 152 4.49 7.32 32.60
CA ASP B 152 4.72 6.37 33.68
C ASP B 152 3.57 6.44 34.69
N CYS B 153 3.51 5.45 35.58
CA CYS B 153 2.42 5.33 36.53
C CYS B 153 2.41 6.44 37.58
N GLN B 154 3.43 7.30 37.55
CA GLN B 154 3.53 8.42 38.48
C GLN B 154 3.02 9.71 37.86
N SER B 155 3.04 9.78 36.53
CA SER B 155 2.65 10.97 35.79
C SER B 155 1.19 11.37 36.04
N ASN B 156 0.88 12.64 35.78
CA ASN B 156 -0.49 13.13 35.84
C ASN B 156 -1.07 13.27 34.44
N TYR B 157 -2.26 12.70 34.24
CA TYR B 157 -2.91 12.69 32.93
C TYR B 157 -4.29 13.32 32.92
N LEU B 158 -4.61 14.14 33.92
CA LEU B 158 -5.96 14.68 34.03
C LEU B 158 -6.30 15.52 32.80
N GLN B 159 -7.53 15.33 32.30
CA GLN B 159 -8.02 16.02 31.10
C GLN B 159 -7.24 15.66 29.84
N GLN B 160 -6.43 14.61 29.92
CA GLN B 160 -5.80 14.03 28.74
C GLN B 160 -6.55 12.76 28.36
N GLY B 161 -6.45 12.36 27.10
CA GLY B 161 -7.17 11.20 26.60
C GLY B 161 -8.67 11.40 26.69
N ILE B 162 -9.42 10.31 26.54
CA ILE B 162 -10.87 10.35 26.60
C ILE B 162 -11.39 9.61 27.83
N ASP B 163 -12.20 10.29 28.64
CA ASP B 163 -12.76 9.70 29.87
C ASP B 163 -13.99 8.84 29.58
N GLN B 164 -13.76 7.58 29.25
CA GLN B 164 -14.83 6.65 28.93
C GLN B 164 -15.80 6.47 30.10
N LEU B 165 -15.27 6.35 31.31
CA LEU B 165 -16.09 6.10 32.49
C LEU B 165 -17.05 7.26 32.77
N GLN B 166 -16.58 8.49 32.56
CA GLN B 166 -17.38 9.65 32.90
C GLN B 166 -18.34 10.02 31.76
N THR B 167 -18.03 9.60 30.54
CA THR B 167 -18.94 9.83 29.42
C THR B 167 -20.13 8.89 29.51
N VAL B 168 -19.90 7.68 30.01
CA VAL B 168 -20.96 6.73 30.25
C VAL B 168 -21.91 7.27 31.32
N ILE B 169 -21.35 7.74 32.43
CA ILE B 169 -22.15 8.32 33.50
C ILE B 169 -22.95 9.54 33.01
N ASP B 170 -22.33 10.36 32.17
CA ASP B 170 -23.02 11.50 31.55
C ASP B 170 -24.13 11.04 30.59
N THR B 171 -23.84 10.03 29.78
CA THR B 171 -24.81 9.51 28.82
C THR B 171 -26.00 8.85 29.52
N ILE B 172 -25.73 8.18 30.64
CA ILE B 172 -26.78 7.52 31.39
C ILE B 172 -27.75 8.55 31.94
N LYS B 173 -27.22 9.71 32.30
CA LYS B 173 -28.02 10.77 32.86
C LYS B 173 -28.73 11.60 31.79
N THR B 174 -28.13 11.69 30.61
CA THR B 174 -28.64 12.57 29.56
C THR B 174 -29.46 11.82 28.52
N ASN B 175 -28.96 10.68 28.09
CA ASN B 175 -29.64 9.89 27.07
C ASN B 175 -29.45 8.39 27.28
N PRO B 176 -30.10 7.83 28.31
CA PRO B 176 -29.89 6.44 28.72
C PRO B 176 -30.40 5.43 27.68
N GLU B 177 -31.14 5.90 26.69
CA GLU B 177 -31.65 5.02 25.63
C GLU B 177 -30.52 4.62 24.70
N SER B 178 -29.40 5.33 24.80
CA SER B 178 -28.26 5.13 23.92
C SER B 178 -27.76 3.70 23.90
N ARG B 179 -27.30 3.25 22.74
CA ARG B 179 -26.70 1.93 22.61
C ARG B 179 -25.21 2.07 22.35
N ARG B 180 -24.65 3.20 22.77
CA ARG B 180 -23.26 3.53 22.49
C ARG B 180 -22.48 3.80 23.77
N MET B 181 -22.98 3.26 24.87
CA MET B 181 -22.32 3.41 26.16
C MET B 181 -21.34 2.27 26.41
N ILE B 182 -20.15 2.40 25.84
CA ILE B 182 -19.16 1.34 25.90
C ILE B 182 -17.85 1.85 26.49
N ILE B 183 -17.19 0.99 27.28
CA ILE B 183 -15.85 1.27 27.80
C ILE B 183 -14.89 0.18 27.37
N SER B 184 -14.00 0.50 26.43
CA SER B 184 -13.06 -0.50 25.89
C SER B 184 -11.62 -0.23 26.31
N SER B 185 -10.91 -1.29 26.69
CA SER B 185 -9.52 -1.19 27.10
C SER B 185 -8.56 -1.65 26.01
N TRP B 186 -9.12 -2.15 24.91
CA TRP B 186 -8.29 -2.70 23.85
C TRP B 186 -7.73 -1.60 22.98
N ASN B 187 -6.61 -1.03 23.39
CA ASN B 187 -5.90 -0.04 22.59
C ASN B 187 -4.62 -0.65 22.05
N PRO B 188 -4.69 -1.18 20.81
CA PRO B 188 -3.56 -1.86 20.16
C PRO B 188 -2.30 -1.01 20.15
N LYS B 189 -2.46 0.31 20.01
CA LYS B 189 -1.34 1.22 19.99
C LYS B 189 -0.61 1.23 21.33
N ASP B 190 -1.35 1.06 22.42
CA ASP B 190 -0.79 1.10 23.76
C ASP B 190 -0.50 -0.28 24.35
N ILE B 191 -1.07 -1.32 23.73
CA ILE B 191 -0.94 -2.70 24.24
C ILE B 191 0.51 -3.18 24.43
N PRO B 192 1.41 -2.90 23.46
CA PRO B 192 2.78 -3.40 23.67
C PRO B 192 3.44 -2.86 24.95
N LEU B 193 2.98 -1.72 25.44
CA LEU B 193 3.50 -1.15 26.68
C LEU B 193 2.90 -1.81 27.91
N MET B 194 1.75 -2.47 27.73
CA MET B 194 1.06 -3.13 28.83
C MET B 194 1.79 -4.39 29.26
N VAL B 195 1.85 -4.65 30.56
CA VAL B 195 2.45 -5.88 31.04
C VAL B 195 1.68 -7.09 30.52
N LEU B 196 0.36 -6.93 30.41
CA LEU B 196 -0.51 -7.99 29.91
C LEU B 196 -1.76 -7.41 29.28
N PRO B 197 -2.13 -7.90 28.09
CA PRO B 197 -3.34 -7.44 27.38
C PRO B 197 -4.61 -7.61 28.23
N PRO B 198 -5.51 -6.62 28.16
CA PRO B 198 -6.75 -6.59 28.96
C PRO B 198 -7.64 -7.82 28.72
N CYS B 199 -7.81 -8.64 29.75
CA CYS B 199 -8.65 -9.84 29.64
C CYS B 199 -10.11 -9.46 29.55
N HIS B 200 -10.54 -8.51 30.36
CA HIS B 200 -11.86 -7.94 30.18
C HIS B 200 -11.72 -6.71 29.30
N THR B 201 -11.74 -6.94 27.99
CA THR B 201 -11.43 -5.91 26.98
C THR B 201 -12.42 -4.75 27.00
N LEU B 202 -13.71 -5.06 27.09
CA LEU B 202 -14.71 -4.01 27.20
C LEU B 202 -16.01 -4.44 27.84
N CYS B 203 -16.83 -3.44 28.15
CA CYS B 203 -18.17 -3.66 28.67
C CYS B 203 -19.13 -2.66 28.05
N GLN B 204 -20.40 -3.03 27.98
CA GLN B 204 -21.43 -2.13 27.47
C GLN B 204 -22.55 -1.98 28.48
N PHE B 205 -22.91 -0.73 28.78
CA PHE B 205 -24.03 -0.47 29.67
C PHE B 205 -25.35 -0.35 28.90
N TYR B 206 -26.46 -0.63 29.58
CA TYR B 206 -27.77 -0.66 28.96
C TYR B 206 -28.82 -0.25 29.97
N VAL B 207 -29.69 0.69 29.59
CA VAL B 207 -30.72 1.19 30.50
C VAL B 207 -32.12 0.93 29.97
N ALA B 208 -32.96 0.35 30.83
CA ALA B 208 -34.36 0.08 30.51
C ALA B 208 -35.16 -0.05 31.80
N ASN B 209 -36.30 0.64 31.88
CA ASN B 209 -37.11 0.67 33.10
C ASN B 209 -36.33 1.25 34.28
N GLY B 210 -35.54 2.29 34.03
CA GLY B 210 -34.72 2.91 35.06
C GLY B 210 -33.86 1.89 35.77
N GLU B 211 -33.29 0.97 34.98
CA GLU B 211 -32.60 -0.19 35.53
C GLU B 211 -31.31 -0.42 34.76
N LEU B 212 -30.17 -0.26 35.43
CA LEU B 212 -28.89 -0.34 34.75
C LEU B 212 -28.41 -1.78 34.58
N SER B 213 -28.04 -2.12 33.35
CA SER B 213 -27.44 -3.42 33.06
C SER B 213 -26.06 -3.22 32.46
N CYS B 214 -25.27 -4.30 32.44
CA CYS B 214 -23.90 -4.24 31.98
C CYS B 214 -23.42 -5.59 31.46
N GLN B 215 -23.06 -5.65 30.18
CA GLN B 215 -22.48 -6.86 29.61
C GLN B 215 -20.98 -6.67 29.41
N VAL B 216 -20.19 -7.63 29.89
CA VAL B 216 -18.75 -7.54 29.74
C VAL B 216 -18.21 -8.65 28.84
N TYR B 217 -17.39 -8.26 27.87
CA TYR B 217 -16.73 -9.21 26.97
C TYR B 217 -15.32 -9.52 27.45
N GLN B 218 -15.08 -10.78 27.80
CA GLN B 218 -13.78 -11.22 28.30
C GLN B 218 -13.07 -12.12 27.30
N ARG B 219 -12.01 -11.61 26.68
CA ARG B 219 -11.31 -12.32 25.61
C ARG B 219 -10.77 -13.67 26.09
N SER B 220 -10.23 -13.65 27.30
CA SER B 220 -9.59 -14.81 27.90
C SER B 220 -10.05 -14.90 29.35
N GLY B 221 -10.62 -16.04 29.73
CA GLY B 221 -11.11 -16.20 31.08
C GLY B 221 -10.71 -17.49 31.77
N ASP B 222 -9.82 -17.36 32.76
CA ASP B 222 -9.42 -18.48 33.59
C ASP B 222 -10.50 -18.78 34.61
N MET B 223 -11.21 -19.90 34.42
CA MET B 223 -12.32 -20.25 35.30
C MET B 223 -11.85 -20.44 36.74
N GLY B 224 -10.60 -20.88 36.91
CA GLY B 224 -10.06 -21.15 38.23
C GLY B 224 -9.85 -19.93 39.10
N LEU B 225 -9.27 -18.88 38.54
CA LEU B 225 -8.88 -17.70 39.32
C LEU B 225 -9.67 -16.45 38.94
N GLY B 226 -9.44 -15.97 37.72
CA GLY B 226 -9.87 -14.66 37.28
C GLY B 226 -11.36 -14.46 37.08
N VAL B 227 -12.01 -15.41 36.40
CA VAL B 227 -13.42 -15.28 36.07
C VAL B 227 -14.32 -14.98 37.28
N PRO B 228 -14.19 -15.76 38.37
CA PRO B 228 -15.02 -15.36 39.52
C PRO B 228 -14.63 -13.99 40.08
N PHE B 229 -13.37 -13.59 39.91
CA PHE B 229 -12.92 -12.28 40.38
C PHE B 229 -13.49 -11.15 39.52
N ASN B 230 -13.51 -11.35 38.21
CA ASN B 230 -13.99 -10.34 37.28
C ASN B 230 -15.49 -10.12 37.39
N ILE B 231 -16.24 -11.23 37.43
CA ILE B 231 -17.69 -11.19 37.58
C ILE B 231 -18.09 -10.31 38.77
N ALA B 232 -17.34 -10.45 39.87
CA ALA B 232 -17.58 -9.63 41.06
C ALA B 232 -17.35 -8.16 40.76
N GLY B 233 -16.24 -7.87 40.10
CA GLY B 233 -15.85 -6.50 39.78
C GLY B 233 -16.83 -5.77 38.89
N TYR B 234 -17.25 -6.42 37.80
CA TYR B 234 -18.17 -5.80 36.87
C TYR B 234 -19.61 -5.78 37.41
N ALA B 235 -19.89 -6.67 38.36
CA ALA B 235 -21.13 -6.58 39.11
C ALA B 235 -21.07 -5.38 40.05
N LEU B 236 -19.90 -5.20 40.67
CA LEU B 236 -19.69 -4.07 41.58
C LEU B 236 -19.77 -2.77 40.79
N LEU B 237 -19.09 -2.75 39.65
CA LEU B 237 -19.05 -1.56 38.79
C LEU B 237 -20.45 -1.13 38.36
N THR B 238 -21.30 -2.11 38.06
CA THR B 238 -22.68 -1.85 37.69
C THR B 238 -23.46 -1.27 38.87
N TYR B 239 -23.17 -1.80 40.05
CA TYR B 239 -23.80 -1.32 41.29
C TYR B 239 -23.38 0.11 41.58
N ILE B 240 -22.09 0.39 41.36
CA ILE B 240 -21.53 1.71 41.60
C ILE B 240 -22.10 2.75 40.65
N VAL B 241 -22.03 2.48 39.35
CA VAL B 241 -22.54 3.40 38.34
C VAL B 241 -24.04 3.63 38.53
N ALA B 242 -24.78 2.56 38.81
CA ALA B 242 -26.22 2.66 39.03
C ALA B 242 -26.53 3.46 40.29
N HIS B 243 -25.59 3.44 41.22
CA HIS B 243 -25.73 4.22 42.45
C HIS B 243 -25.70 5.72 42.14
N VAL B 244 -24.61 6.15 41.52
CA VAL B 244 -24.39 7.58 41.27
C VAL B 244 -25.36 8.13 40.23
N THR B 245 -25.95 7.26 39.42
CA THR B 245 -26.88 7.70 38.38
C THR B 245 -28.34 7.54 38.81
N GLY B 246 -28.56 7.12 40.05
CA GLY B 246 -29.90 7.00 40.58
C GLY B 246 -30.73 5.87 39.97
N LEU B 247 -30.05 4.86 39.43
CA LEU B 247 -30.76 3.76 38.78
C LEU B 247 -30.69 2.46 39.57
N LYS B 248 -31.68 1.60 39.33
CA LYS B 248 -31.68 0.25 39.88
C LYS B 248 -30.73 -0.63 39.08
N THR B 249 -30.22 -1.68 39.70
CA THR B 249 -29.33 -2.60 39.02
C THR B 249 -30.14 -3.70 38.36
N GLY B 250 -29.86 -3.94 37.08
CA GLY B 250 -30.59 -4.93 36.32
C GLY B 250 -29.88 -6.26 36.32
N ASP B 251 -29.04 -6.47 35.31
CA ASP B 251 -28.37 -7.75 35.13
C ASP B 251 -26.90 -7.57 34.73
N LEU B 252 -26.07 -8.56 35.03
CA LEU B 252 -24.72 -8.60 34.50
C LEU B 252 -24.65 -9.75 33.51
N ILE B 253 -24.15 -9.48 32.31
CA ILE B 253 -24.02 -10.53 31.30
C ILE B 253 -22.55 -10.78 31.05
N HIS B 254 -22.09 -11.95 31.45
CA HIS B 254 -20.68 -12.28 31.34
C HIS B 254 -20.40 -13.09 30.09
N THR B 255 -19.96 -12.41 29.04
CA THR B 255 -19.59 -13.07 27.79
C THR B 255 -18.08 -13.24 27.73
N MET B 256 -17.62 -14.41 27.26
CA MET B 256 -16.18 -14.61 27.13
C MET B 256 -15.78 -15.33 25.83
N GLY B 257 -14.51 -15.18 25.47
CA GLY B 257 -13.98 -15.81 24.28
C GLY B 257 -13.38 -17.15 24.61
N ASP B 258 -12.06 -17.19 24.75
CA ASP B 258 -11.35 -18.41 25.12
C ASP B 258 -11.60 -18.73 26.59
N ALA B 259 -12.67 -19.48 26.85
CA ALA B 259 -12.98 -19.94 28.19
C ALA B 259 -12.17 -21.20 28.50
N HIS B 260 -11.21 -21.07 29.41
CA HIS B 260 -10.28 -22.18 29.62
C HIS B 260 -10.12 -22.61 31.07
N ILE B 261 -9.69 -23.85 31.25
CA ILE B 261 -9.35 -24.40 32.57
C ILE B 261 -7.95 -25.00 32.54
N TYR B 262 -7.05 -24.44 33.34
CA TYR B 262 -5.69 -24.95 33.43
C TYR B 262 -5.67 -26.39 33.94
N LEU B 263 -4.86 -27.23 33.29
CA LEU B 263 -4.84 -28.67 33.57
C LEU B 263 -4.49 -28.97 35.03
N ASN B 264 -3.69 -28.09 35.64
CA ASN B 264 -3.31 -28.26 37.03
C ASN B 264 -4.39 -27.79 38.00
N HIS B 265 -5.61 -27.65 37.49
CA HIS B 265 -6.74 -27.19 38.30
C HIS B 265 -7.94 -28.12 38.17
N ILE B 266 -7.87 -29.05 37.22
CA ILE B 266 -9.00 -29.95 36.92
C ILE B 266 -9.47 -30.71 38.15
N ASP B 267 -8.54 -31.25 38.92
CA ASP B 267 -8.87 -32.02 40.12
C ASP B 267 -9.62 -31.15 41.14
N ALA B 268 -9.21 -29.89 41.24
CA ALA B 268 -9.80 -28.96 42.19
C ALA B 268 -11.19 -28.49 41.76
N LEU B 269 -11.35 -28.27 40.45
CA LEU B 269 -12.62 -27.80 39.90
C LEU B 269 -13.71 -28.86 39.96
N LYS B 270 -13.32 -30.13 39.97
CA LYS B 270 -14.31 -31.21 40.01
C LYS B 270 -14.84 -31.40 41.42
N VAL B 271 -14.03 -31.03 42.40
CA VAL B 271 -14.45 -31.09 43.79
C VAL B 271 -15.39 -29.92 44.09
N GLN B 272 -15.03 -28.75 43.57
CA GLN B 272 -15.85 -27.55 43.66
C GLN B 272 -17.17 -27.72 42.91
N LEU B 273 -17.14 -28.57 41.88
CA LEU B 273 -18.31 -28.84 41.05
C LEU B 273 -19.44 -29.52 41.83
N ALA B 274 -19.08 -30.29 42.86
CA ALA B 274 -20.07 -31.03 43.63
C ALA B 274 -20.73 -30.18 44.72
N ARG B 275 -20.25 -28.95 44.90
CA ARG B 275 -20.82 -28.04 45.88
C ARG B 275 -22.00 -27.27 45.29
N SER B 276 -23.18 -27.43 45.90
CA SER B 276 -24.35 -26.63 45.54
C SER B 276 -24.20 -25.22 46.06
N PRO B 277 -24.08 -24.25 45.14
CA PRO B 277 -23.89 -22.84 45.51
C PRO B 277 -24.98 -22.29 46.44
N LYS B 278 -24.56 -21.45 47.38
CA LYS B 278 -25.47 -20.86 48.37
C LYS B 278 -26.08 -19.57 47.83
N PRO B 279 -27.16 -19.07 48.47
CA PRO B 279 -27.76 -17.78 48.09
C PRO B 279 -26.75 -16.63 48.00
N PHE B 280 -26.77 -15.91 46.89
CA PHE B 280 -25.88 -14.76 46.70
C PHE B 280 -26.12 -13.72 47.81
N PRO B 281 -25.05 -13.03 48.24
CA PRO B 281 -25.13 -12.04 49.32
C PRO B 281 -25.75 -10.72 48.89
N CYS B 282 -26.06 -9.85 49.86
CA CYS B 282 -26.56 -8.50 49.57
C CYS B 282 -25.43 -7.51 49.46
N LEU B 283 -25.64 -6.43 48.71
CA LEU B 283 -24.67 -5.34 48.66
C LEU B 283 -25.37 -4.02 48.95
N LYS B 284 -24.86 -3.30 49.93
CA LYS B 284 -25.47 -2.05 50.35
C LYS B 284 -24.44 -0.93 50.38
N ILE B 285 -24.84 0.25 49.92
CA ILE B 285 -23.99 1.43 49.99
C ILE B 285 -24.51 2.36 51.08
N ILE B 286 -23.75 2.42 52.17
CA ILE B 286 -24.18 3.10 53.40
C ILE B 286 -24.09 4.63 53.26
N ARG B 287 -23.43 5.10 52.21
CA ARG B 287 -23.26 6.53 51.99
C ARG B 287 -23.81 6.94 50.62
N ASN B 288 -24.37 8.14 50.54
CA ASN B 288 -24.89 8.66 49.28
C ASN B 288 -23.80 9.31 48.43
N VAL B 289 -22.95 8.49 47.83
CA VAL B 289 -21.88 8.98 46.98
C VAL B 289 -22.41 9.50 45.65
N THR B 290 -22.03 10.72 45.29
CA THR B 290 -22.48 11.35 44.05
C THR B 290 -21.37 11.43 43.02
N ASP B 291 -20.14 11.21 43.48
CA ASP B 291 -18.97 11.32 42.61
C ASP B 291 -18.35 9.94 42.39
N ILE B 292 -18.09 9.61 41.13
CA ILE B 292 -17.55 8.30 40.79
C ILE B 292 -16.19 8.04 41.44
N ASN B 293 -15.43 9.10 41.68
CA ASN B 293 -14.09 8.97 42.25
C ASN B 293 -14.11 9.00 43.78
N ASP B 294 -15.30 9.15 44.35
CA ASP B 294 -15.44 9.42 45.78
C ASP B 294 -15.84 8.17 46.58
N PHE B 295 -15.57 7.00 46.03
CA PHE B 295 -15.93 5.75 46.69
C PHE B 295 -14.80 5.20 47.56
N LYS B 296 -15.17 4.71 48.74
CA LYS B 296 -14.20 4.14 49.67
C LYS B 296 -14.55 2.69 49.97
N TRP B 297 -13.59 1.95 50.50
CA TRP B 297 -13.83 0.58 50.92
C TRP B 297 -14.89 0.51 52.03
N ASP B 298 -14.99 1.58 52.82
CA ASP B 298 -15.92 1.60 53.95
C ASP B 298 -17.35 1.94 53.51
N ASP B 299 -17.56 2.09 52.21
CA ASP B 299 -18.87 2.49 51.68
C ASP B 299 -19.76 1.28 51.39
N PHE B 300 -19.15 0.11 51.32
CA PHE B 300 -19.87 -1.10 50.92
C PHE B 300 -20.18 -2.01 52.10
N GLN B 301 -21.40 -2.55 52.11
CA GLN B 301 -21.79 -3.53 53.12
C GLN B 301 -22.23 -4.82 52.45
N LEU B 302 -21.54 -5.91 52.74
CA LEU B 302 -21.86 -7.20 52.15
C LEU B 302 -22.46 -8.15 53.18
N ASP B 303 -23.76 -8.39 53.06
CA ASP B 303 -24.47 -9.24 54.00
C ASP B 303 -24.81 -10.61 53.40
N GLY B 304 -24.41 -11.67 54.09
CA GLY B 304 -24.84 -13.01 53.73
C GLY B 304 -23.83 -13.81 52.94
N TYR B 305 -22.58 -13.35 52.91
CA TYR B 305 -21.58 -14.07 52.14
C TYR B 305 -20.99 -15.20 52.98
N ASN B 306 -21.50 -16.40 52.76
CA ASN B 306 -21.06 -17.57 53.50
C ASN B 306 -20.57 -18.66 52.56
N PRO B 307 -19.41 -18.44 51.92
CA PRO B 307 -18.91 -19.36 50.90
C PRO B 307 -18.53 -20.72 51.48
N HIS B 308 -18.36 -21.72 50.62
CA HIS B 308 -17.95 -23.06 51.03
C HIS B 308 -16.51 -23.07 51.54
N PRO B 309 -16.20 -24.01 52.46
CA PRO B 309 -14.84 -24.14 53.01
C PRO B 309 -13.80 -24.43 51.94
N PRO B 310 -12.56 -23.97 52.15
CA PRO B 310 -11.44 -24.12 51.21
C PRO B 310 -11.10 -25.59 50.91
N LEU B 311 -10.16 -25.81 49.97
CA LEU B 311 -9.66 -27.16 49.66
C LEU B 311 -8.55 -27.59 50.62
N LEU C 31 34.61 23.10 -22.46
CA LEU C 31 34.37 23.36 -23.89
C LEU C 31 32.90 23.65 -24.17
N THR C 32 32.66 24.55 -25.12
CA THR C 32 31.31 24.95 -25.51
C THR C 32 31.14 24.94 -27.03
N GLY C 33 29.89 24.77 -27.47
CA GLY C 33 29.56 24.86 -28.88
C GLY C 33 30.14 23.74 -29.72
N GLU C 34 30.59 24.08 -30.92
CA GLU C 34 31.08 23.10 -31.89
C GLU C 34 32.31 22.36 -31.37
N LEU C 35 33.05 22.99 -30.47
CA LEU C 35 34.27 22.39 -29.92
C LEU C 35 33.96 21.08 -29.19
N GLN C 36 32.74 20.96 -28.67
CA GLN C 36 32.29 19.73 -28.06
C GLN C 36 32.33 18.58 -29.06
N TYR C 37 31.81 18.84 -30.26
CA TYR C 37 31.77 17.84 -31.31
C TYR C 37 33.17 17.46 -31.77
N LEU C 38 34.04 18.46 -31.89
CA LEU C 38 35.43 18.23 -32.24
C LEU C 38 36.10 17.41 -31.15
N LYS C 39 35.73 17.69 -29.90
CA LYS C 39 36.27 16.97 -28.75
C LYS C 39 35.87 15.50 -28.78
N GLN C 40 34.60 15.25 -29.10
CA GLN C 40 34.07 13.89 -29.18
C GLN C 40 34.78 13.10 -30.26
N VAL C 41 35.02 13.73 -31.42
CA VAL C 41 35.72 13.07 -32.51
C VAL C 41 37.15 12.73 -32.07
N ASP C 42 37.80 13.70 -31.42
CA ASP C 42 39.13 13.52 -30.90
C ASP C 42 39.20 12.37 -29.90
N ASP C 43 38.29 12.37 -28.93
CA ASP C 43 38.22 11.31 -27.92
C ASP C 43 38.06 9.93 -28.56
N ILE C 44 37.22 9.82 -29.57
CA ILE C 44 36.95 8.54 -30.21
C ILE C 44 38.20 8.01 -30.92
N LEU C 45 38.97 8.92 -31.51
CA LEU C 45 40.19 8.54 -32.19
C LEU C 45 41.25 8.03 -31.22
N ARG C 46 41.30 8.62 -30.05
CA ARG C 46 42.34 8.32 -29.07
C ARG C 46 41.92 7.30 -28.02
N TYR C 47 40.63 7.19 -27.75
CA TYR C 47 40.18 6.32 -26.68
C TYR C 47 39.15 5.31 -27.15
N GLY C 48 38.67 5.47 -28.38
CA GLY C 48 37.61 4.62 -28.89
C GLY C 48 38.09 3.20 -29.08
N VAL C 49 37.21 2.24 -28.83
CA VAL C 49 37.57 0.84 -28.96
C VAL C 49 37.20 0.32 -30.36
N ARG C 50 37.97 -0.65 -30.84
CA ARG C 50 37.69 -1.25 -32.13
C ARG C 50 36.38 -2.02 -32.11
N LYS C 51 35.49 -1.66 -33.03
CA LYS C 51 34.15 -2.23 -33.07
C LYS C 51 33.70 -2.35 -34.52
N ARG C 52 33.36 -3.56 -34.95
CA ARG C 52 32.96 -3.82 -36.33
C ARG C 52 31.60 -3.23 -36.65
N ASP C 53 31.47 -2.63 -37.84
CA ASP C 53 30.22 -2.03 -38.28
C ASP C 53 29.28 -3.11 -38.81
N ARG C 54 27.98 -2.86 -38.70
CA ARG C 54 26.95 -3.78 -39.16
C ARG C 54 27.14 -4.21 -40.62
N THR C 55 27.78 -3.37 -41.42
CA THR C 55 27.90 -3.63 -42.86
C THR C 55 29.21 -4.32 -43.25
N GLY C 56 30.18 -4.34 -42.34
CA GLY C 56 31.41 -5.06 -42.61
C GLY C 56 32.69 -4.36 -42.19
N ILE C 57 32.76 -3.06 -42.45
CA ILE C 57 33.97 -2.30 -42.14
C ILE C 57 34.12 -2.10 -40.64
N GLY C 58 35.33 -1.87 -40.16
CA GLY C 58 35.56 -1.64 -38.75
C GLY C 58 35.29 -0.20 -38.38
N THR C 59 35.01 0.05 -37.10
CA THR C 59 34.80 1.41 -36.60
C THR C 59 35.51 1.62 -35.27
N LEU C 60 35.83 2.87 -34.96
CA LEU C 60 36.28 3.21 -33.62
C LEU C 60 35.07 3.71 -32.84
N SER C 61 34.84 3.17 -31.65
CA SER C 61 33.58 3.40 -30.96
C SER C 61 33.72 3.76 -29.48
N LEU C 62 32.87 4.69 -29.03
CA LEU C 62 32.73 5.01 -27.61
C LEU C 62 31.25 4.92 -27.25
N PHE C 63 30.97 4.42 -26.05
CA PHE C 63 29.58 4.28 -25.63
C PHE C 63 29.23 5.25 -24.52
N GLY C 64 28.28 6.13 -24.80
CA GLY C 64 27.79 7.07 -23.79
C GLY C 64 28.46 8.43 -23.88
N MET C 65 27.79 9.36 -24.57
CA MET C 65 28.30 10.72 -24.72
C MET C 65 27.15 11.71 -24.64
N GLN C 66 27.48 12.98 -24.46
CA GLN C 66 26.47 14.03 -24.38
C GLN C 66 27.09 15.39 -24.70
N ALA C 67 26.32 16.22 -25.41
CA ALA C 67 26.73 17.58 -25.70
C ALA C 67 25.55 18.53 -25.52
N ARG C 68 25.85 19.75 -25.06
CA ARG C 68 24.84 20.78 -24.86
C ARG C 68 25.10 21.95 -25.80
N TYR C 69 24.26 22.08 -26.84
CA TYR C 69 24.41 23.16 -27.81
C TYR C 69 23.42 24.29 -27.54
N ASN C 70 23.93 25.51 -27.54
CA ASN C 70 23.13 26.69 -27.28
C ASN C 70 22.26 27.08 -28.47
N LEU C 71 20.99 27.35 -28.20
CA LEU C 71 20.04 27.71 -29.26
C LEU C 71 19.57 29.16 -29.13
N ARG C 72 20.22 29.92 -28.25
CA ARG C 72 19.84 31.31 -28.02
C ARG C 72 20.60 32.23 -28.98
N ASN C 73 19.86 32.84 -29.91
CA ASN C 73 20.43 33.77 -30.88
C ASN C 73 21.52 33.18 -31.76
N GLU C 74 21.49 31.87 -31.97
CA GLU C 74 22.40 31.21 -32.92
C GLU C 74 21.97 29.77 -33.18
N PHE C 75 22.19 29.31 -34.42
CA PHE C 75 21.82 27.95 -34.79
C PHE C 75 23.06 27.07 -34.92
N PRO C 76 23.07 25.93 -34.22
CA PRO C 76 24.24 25.06 -34.17
C PRO C 76 24.44 24.23 -35.43
N LEU C 77 24.57 24.90 -36.57
CA LEU C 77 24.90 24.24 -37.82
C LEU C 77 26.42 24.25 -37.98
N LEU C 78 27.03 23.06 -37.89
CA LEU C 78 28.48 22.93 -37.85
C LEU C 78 29.20 23.65 -39.00
N THR C 79 30.35 24.24 -38.70
CA THR C 79 31.04 25.12 -39.63
C THR C 79 32.34 24.54 -40.18
N THR C 80 32.96 23.64 -39.44
CA THR C 80 34.21 23.02 -39.87
C THR C 80 34.01 22.16 -41.14
N LYS C 81 32.77 21.78 -41.40
CA LYS C 81 32.43 21.04 -42.61
C LYS C 81 31.00 21.37 -43.01
N ARG C 82 30.81 21.78 -44.27
CA ARG C 82 29.49 22.17 -44.76
C ARG C 82 28.45 21.05 -44.57
N VAL C 83 27.30 21.43 -44.02
CA VAL C 83 26.19 20.51 -43.79
C VAL C 83 25.09 20.74 -44.83
N PHE C 84 24.49 19.67 -45.33
CA PHE C 84 23.39 19.80 -46.29
C PHE C 84 22.16 20.37 -45.60
N TRP C 85 22.11 21.70 -45.53
CA TRP C 85 21.06 22.41 -44.81
C TRP C 85 19.66 22.16 -45.34
N ARG C 86 19.52 22.12 -46.67
CA ARG C 86 18.19 22.00 -47.27
C ARG C 86 17.64 20.58 -47.09
N ALA C 87 18.54 19.61 -46.95
CA ALA C 87 18.13 18.24 -46.66
C ALA C 87 17.56 18.14 -45.26
N VAL C 88 18.20 18.87 -44.35
CA VAL C 88 17.76 18.91 -42.96
C VAL C 88 16.33 19.40 -42.85
N VAL C 89 16.04 20.53 -43.49
CA VAL C 89 14.72 21.12 -43.39
C VAL C 89 13.68 20.21 -44.04
N GLU C 90 13.95 19.78 -45.27
CA GLU C 90 12.96 19.02 -46.02
C GLU C 90 12.67 17.67 -45.38
N GLU C 91 13.71 16.98 -44.92
CA GLU C 91 13.51 15.72 -44.22
C GLU C 91 12.66 15.90 -42.95
N LEU C 92 12.93 16.96 -42.20
CA LEU C 92 12.16 17.23 -40.98
C LEU C 92 10.70 17.52 -41.30
N LEU C 93 10.46 18.41 -42.27
CA LEU C 93 9.10 18.70 -42.72
C LEU C 93 8.46 17.42 -43.24
N TRP C 94 9.27 16.57 -43.85
CA TRP C 94 8.84 15.27 -44.34
C TRP C 94 8.49 14.35 -43.18
N PHE C 95 9.27 14.46 -42.10
CA PHE C 95 9.01 13.71 -40.87
C PHE C 95 7.73 14.19 -40.20
N ILE C 96 7.60 15.51 -40.06
CA ILE C 96 6.48 16.12 -39.33
C ILE C 96 5.13 15.73 -39.91
N ARG C 97 5.05 15.61 -41.24
CA ARG C 97 3.78 15.31 -41.89
C ARG C 97 3.47 13.81 -41.85
N GLY C 98 4.43 13.02 -41.36
CA GLY C 98 4.21 11.60 -41.21
C GLY C 98 4.43 10.79 -42.48
N SER C 99 5.09 11.40 -43.46
CA SER C 99 5.35 10.72 -44.73
C SER C 99 6.50 9.73 -44.60
N THR C 100 6.31 8.55 -45.17
CA THR C 100 7.32 7.50 -45.10
C THR C 100 7.73 7.07 -46.51
N ASP C 101 7.52 7.96 -47.48
CA ASP C 101 7.88 7.69 -48.87
C ASP C 101 9.13 8.48 -49.26
N SER C 102 10.13 7.77 -49.79
CA SER C 102 11.39 8.40 -50.16
C SER C 102 11.26 9.15 -51.48
N LYS C 103 10.23 8.81 -52.27
CA LYS C 103 10.00 9.48 -53.54
C LYS C 103 9.52 10.91 -53.33
N GLU C 104 8.94 11.18 -52.16
CA GLU C 104 8.50 12.52 -51.78
C GLU C 104 9.67 13.48 -51.59
N LEU C 105 10.78 12.95 -51.06
CA LEU C 105 12.01 13.73 -50.88
C LEU C 105 12.73 13.93 -52.20
N ALA C 106 12.78 12.87 -53.01
CA ALA C 106 13.43 12.92 -54.31
C ALA C 106 12.70 13.89 -55.24
N ALA C 107 11.42 14.06 -54.99
CA ALA C 107 10.61 15.06 -55.70
C ALA C 107 11.18 16.46 -55.52
N LYS C 108 11.69 16.74 -54.32
CA LYS C 108 12.31 18.02 -54.05
C LYS C 108 13.83 17.93 -54.14
N ASP C 109 14.30 17.03 -55.00
CA ASP C 109 15.73 16.84 -55.28
C ASP C 109 16.55 16.45 -54.04
N ILE C 110 16.02 15.53 -53.23
CA ILE C 110 16.73 15.06 -52.05
C ILE C 110 16.68 13.55 -51.94
N HIS C 111 17.85 12.93 -52.07
CA HIS C 111 17.93 11.48 -52.24
C HIS C 111 18.74 10.80 -51.15
N ILE C 112 18.67 11.33 -49.93
CA ILE C 112 19.39 10.75 -48.81
C ILE C 112 18.72 9.47 -48.29
N TRP C 113 17.61 9.09 -48.92
CA TRP C 113 16.94 7.83 -48.60
C TRP C 113 16.79 6.96 -49.84
N ASP C 114 17.86 6.86 -50.62
CA ASP C 114 17.88 6.19 -51.92
C ASP C 114 16.86 6.82 -52.87
N THR C 132 8.10 3.18 -55.55
CA THR C 132 8.55 2.05 -54.76
C THR C 132 9.52 2.50 -53.68
N GLY C 133 9.26 3.67 -53.10
CA GLY C 133 10.12 4.23 -52.08
C GLY C 133 9.54 4.08 -50.68
N ASP C 134 8.86 2.96 -50.46
CA ASP C 134 8.23 2.70 -49.17
C ASP C 134 9.27 2.29 -48.14
N LEU C 135 9.62 3.22 -47.27
CA LEU C 135 10.65 3.00 -46.25
C LEU C 135 10.07 2.37 -44.98
N GLY C 136 8.85 1.83 -45.07
CA GLY C 136 8.21 1.23 -43.93
C GLY C 136 7.69 2.29 -42.96
N PRO C 137 7.26 1.85 -41.77
CA PRO C 137 6.71 2.74 -40.75
C PRO C 137 7.77 3.48 -39.94
N ILE C 138 8.53 4.37 -40.59
CA ILE C 138 9.66 5.01 -39.93
C ILE C 138 9.23 6.19 -39.06
N TYR C 139 10.18 7.07 -38.79
CA TYR C 139 10.04 8.18 -37.85
C TYR C 139 8.71 8.91 -37.94
N GLY C 140 8.44 9.51 -39.10
CA GLY C 140 7.27 10.33 -39.29
C GLY C 140 6.00 9.60 -38.92
N PHE C 141 5.98 8.30 -39.17
CA PHE C 141 4.84 7.48 -38.84
C PHE C 141 4.70 7.33 -37.32
N GLN C 142 5.84 7.18 -36.65
CA GLN C 142 5.83 6.99 -35.20
C GLN C 142 5.51 8.29 -34.49
N TRP C 143 6.02 9.39 -35.03
CA TRP C 143 5.83 10.70 -34.44
C TRP C 143 4.36 11.11 -34.37
N ARG C 144 3.60 10.78 -35.41
CA ARG C 144 2.22 11.24 -35.51
C ARG C 144 1.20 10.13 -35.27
N HIS C 145 1.57 8.89 -35.56
CA HIS C 145 0.60 7.79 -35.45
C HIS C 145 1.16 6.55 -34.78
N PHE C 146 1.75 6.72 -33.60
CA PHE C 146 2.32 5.57 -32.90
C PHE C 146 1.22 4.57 -32.53
N GLY C 147 1.39 3.33 -32.95
CA GLY C 147 0.43 2.28 -32.66
C GLY C 147 -0.52 2.03 -33.81
N ALA C 148 -0.49 2.92 -34.80
CA ALA C 148 -1.33 2.77 -35.98
C ALA C 148 -0.89 1.55 -36.77
N GLU C 149 -1.85 0.88 -37.41
CA GLU C 149 -1.53 -0.30 -38.19
C GLU C 149 -1.06 0.13 -39.57
N TYR C 150 0.26 0.08 -39.77
CA TYR C 150 0.85 0.55 -41.02
C TYR C 150 0.50 -0.38 -42.18
N LYS C 151 0.24 0.21 -43.35
CA LYS C 151 -0.08 -0.53 -44.56
C LYS C 151 0.94 -0.24 -45.66
N ASP C 152 0.89 0.99 -46.16
CA ASP C 152 1.86 1.49 -47.13
C ASP C 152 2.05 2.98 -46.91
N CYS C 153 2.84 3.62 -47.77
CA CYS C 153 3.11 5.05 -47.63
C CYS C 153 2.00 5.92 -48.25
N GLN C 154 1.29 5.38 -49.24
CA GLN C 154 0.20 6.11 -49.90
C GLN C 154 -0.99 6.36 -48.96
N SER C 155 -1.17 5.47 -47.99
CA SER C 155 -2.33 5.53 -47.10
C SER C 155 -2.29 6.74 -46.17
N ASN C 156 -3.46 7.14 -45.70
CA ASN C 156 -3.57 8.19 -44.69
C ASN C 156 -3.89 7.57 -43.34
N TYR C 157 -3.35 8.15 -42.27
CA TYR C 157 -3.51 7.54 -40.97
C TYR C 157 -4.03 8.50 -39.91
N LEU C 158 -4.78 9.51 -40.34
CA LEU C 158 -5.32 10.50 -39.41
C LEU C 158 -6.23 9.85 -38.38
N GLN C 159 -6.22 10.41 -37.18
CA GLN C 159 -6.98 9.88 -36.04
C GLN C 159 -6.65 8.42 -35.74
N GLN C 160 -5.57 7.92 -36.34
CA GLN C 160 -5.08 6.58 -36.00
C GLN C 160 -3.84 6.65 -35.13
N GLY C 161 -3.80 5.83 -34.08
CA GLY C 161 -2.71 5.83 -33.13
C GLY C 161 -2.53 7.16 -32.43
N ILE C 162 -1.37 7.36 -31.82
CA ILE C 162 -1.14 8.55 -31.01
C ILE C 162 -0.25 9.57 -31.71
N ASP C 163 -0.67 10.83 -31.65
CA ASP C 163 0.09 11.94 -32.22
C ASP C 163 1.05 12.51 -31.19
N GLN C 164 2.19 11.85 -31.02
CA GLN C 164 3.19 12.27 -30.05
C GLN C 164 3.63 13.71 -30.26
N LEU C 165 3.73 14.14 -31.51
CA LEU C 165 4.16 15.51 -31.80
C LEU C 165 3.16 16.55 -31.32
N GLN C 166 1.86 16.25 -31.45
CA GLN C 166 0.83 17.18 -31.02
C GLN C 166 0.66 17.11 -29.50
N THR C 167 0.72 15.90 -28.95
CA THR C 167 0.61 15.69 -27.51
C THR C 167 1.68 16.49 -26.76
N VAL C 168 2.86 16.58 -27.35
CA VAL C 168 3.92 17.42 -26.81
C VAL C 168 3.51 18.88 -26.87
N ILE C 169 3.10 19.33 -28.06
CA ILE C 169 2.74 20.74 -28.27
C ILE C 169 1.67 21.21 -27.30
N ASP C 170 0.57 20.48 -27.22
CA ASP C 170 -0.53 20.84 -26.34
C ASP C 170 -0.07 20.91 -24.89
N THR C 171 0.85 20.01 -24.53
CA THR C 171 1.35 19.94 -23.16
C THR C 171 2.21 21.15 -22.81
N ILE C 172 2.91 21.67 -23.80
CA ILE C 172 3.77 22.82 -23.59
C ILE C 172 2.94 24.07 -23.30
N LYS C 173 1.74 24.11 -23.85
CA LYS C 173 0.88 25.28 -23.66
C LYS C 173 0.01 25.20 -22.41
N THR C 174 -0.28 23.98 -21.95
CA THR C 174 -1.18 23.77 -20.82
C THR C 174 -0.46 23.37 -19.53
N ASN C 175 0.70 22.74 -19.66
CA ASN C 175 1.48 22.29 -18.50
C ASN C 175 2.97 22.15 -18.83
N PRO C 176 3.68 23.28 -18.94
CA PRO C 176 5.08 23.33 -19.36
C PRO C 176 6.04 22.57 -18.44
N GLU C 177 5.70 22.51 -17.16
CA GLU C 177 6.56 21.85 -16.17
C GLU C 177 6.41 20.33 -16.21
N SER C 178 5.92 19.81 -17.33
CA SER C 178 5.72 18.38 -17.52
C SER C 178 7.06 17.69 -17.74
N ARG C 179 7.16 16.45 -17.26
CA ARG C 179 8.36 15.67 -17.49
C ARG C 179 8.05 14.53 -18.45
N ARG C 180 6.86 14.56 -19.04
CA ARG C 180 6.40 13.46 -19.88
C ARG C 180 6.19 13.88 -21.34
N MET C 181 6.94 14.90 -21.75
CA MET C 181 6.86 15.40 -23.12
C MET C 181 7.90 14.67 -23.98
N ILE C 182 7.52 13.50 -24.47
CA ILE C 182 8.45 12.60 -25.15
C ILE C 182 7.92 12.13 -26.50
N ILE C 183 8.79 12.16 -27.51
CA ILE C 183 8.47 11.62 -28.83
C ILE C 183 9.39 10.44 -29.14
N SER C 184 8.88 9.22 -28.94
CA SER C 184 9.68 8.03 -29.19
C SER C 184 9.41 7.43 -30.57
N SER C 185 10.46 6.93 -31.20
CA SER C 185 10.34 6.26 -32.48
C SER C 185 10.49 4.75 -32.32
N TRP C 186 10.96 4.33 -31.15
CA TRP C 186 11.28 2.93 -30.94
C TRP C 186 10.02 2.07 -30.78
N ASN C 187 9.64 1.39 -31.86
CA ASN C 187 8.43 0.58 -31.86
C ASN C 187 8.71 -0.84 -32.33
N PRO C 188 9.07 -1.73 -31.39
CA PRO C 188 9.45 -3.13 -31.64
C PRO C 188 8.49 -3.87 -32.56
N LYS C 189 7.22 -3.44 -32.56
CA LYS C 189 6.20 -4.01 -33.43
C LYS C 189 6.43 -3.65 -34.90
N ASP C 190 6.84 -2.40 -35.15
CA ASP C 190 6.98 -1.89 -36.51
C ASP C 190 8.42 -1.89 -37.01
N ILE C 191 9.37 -2.05 -36.09
CA ILE C 191 10.79 -2.04 -36.46
C ILE C 191 11.15 -3.11 -37.51
N PRO C 192 10.63 -4.35 -37.37
CA PRO C 192 10.92 -5.32 -38.42
C PRO C 192 10.33 -4.94 -39.78
N LEU C 193 9.45 -3.95 -39.81
CA LEU C 193 8.86 -3.45 -41.05
C LEU C 193 9.63 -2.24 -41.58
N MET C 194 10.44 -1.64 -40.71
CA MET C 194 11.31 -0.54 -41.12
C MET C 194 12.49 -1.08 -41.89
N VAL C 195 12.93 -0.34 -42.91
CA VAL C 195 14.15 -0.68 -43.61
C VAL C 195 15.33 -0.49 -42.67
N LEU C 196 15.20 0.46 -41.74
CA LEU C 196 16.23 0.76 -40.76
C LEU C 196 15.60 1.28 -39.47
N PRO C 197 16.03 0.73 -38.32
CA PRO C 197 15.55 1.21 -37.02
C PRO C 197 16.09 2.59 -36.70
N PRO C 198 15.38 3.35 -35.86
CA PRO C 198 15.71 4.75 -35.60
C PRO C 198 16.99 4.96 -34.78
N CYS C 199 17.94 5.68 -35.35
CA CYS C 199 19.04 6.23 -34.57
C CYS C 199 18.44 7.28 -33.63
N HIS C 200 17.47 8.02 -34.14
CA HIS C 200 16.68 8.97 -33.35
C HIS C 200 15.68 8.25 -32.45
N THR C 201 16.13 7.43 -31.51
CA THR C 201 15.19 6.60 -30.74
C THR C 201 14.08 7.42 -30.10
N LEU C 202 14.44 8.48 -29.37
CA LEU C 202 13.44 9.41 -28.86
C LEU C 202 14.01 10.80 -28.54
N CYS C 203 13.13 11.66 -28.05
CA CYS C 203 13.52 12.99 -27.60
C CYS C 203 12.55 13.49 -26.53
N GLN C 204 13.09 14.29 -25.61
CA GLN C 204 12.28 14.88 -24.54
C GLN C 204 12.30 16.40 -24.64
N PHE C 205 11.23 17.04 -24.17
CA PHE C 205 11.19 18.50 -24.16
C PHE C 205 11.17 19.06 -22.74
N TYR C 206 11.56 20.33 -22.63
CA TYR C 206 11.76 20.96 -21.34
C TYR C 206 11.62 22.48 -21.50
N VAL C 207 10.75 23.08 -20.69
CA VAL C 207 10.49 24.51 -20.73
C VAL C 207 10.91 25.20 -19.44
N ALA C 208 11.87 26.10 -19.51
CA ALA C 208 12.26 26.87 -18.32
C ALA C 208 12.68 28.28 -18.72
N ASN C 209 12.39 29.25 -17.86
CA ASN C 209 12.66 30.66 -18.17
C ASN C 209 12.04 31.08 -19.49
N GLY C 210 10.89 30.51 -19.81
CA GLY C 210 10.18 30.81 -21.05
C GLY C 210 10.89 30.30 -22.29
N GLU C 211 11.89 29.45 -22.08
CA GLU C 211 12.69 28.90 -23.18
C GLU C 211 12.41 27.41 -23.36
N LEU C 212 12.38 26.97 -24.61
CA LEU C 212 12.14 25.56 -24.91
C LEU C 212 13.44 24.82 -25.22
N SER C 213 13.75 23.81 -24.40
CA SER C 213 14.93 22.96 -24.58
C SER C 213 14.51 21.57 -25.02
N CYS C 214 15.46 20.76 -25.50
CA CYS C 214 15.16 19.42 -26.00
C CYS C 214 16.32 18.46 -25.90
N GLN C 215 16.04 17.22 -25.50
CA GLN C 215 17.16 16.30 -25.34
C GLN C 215 16.89 15.28 -26.46
N VAL C 216 17.90 14.74 -27.12
CA VAL C 216 17.64 13.64 -28.05
C VAL C 216 18.59 12.48 -27.79
N TYR C 217 18.02 11.31 -27.53
CA TYR C 217 18.84 10.11 -27.36
C TYR C 217 19.09 9.47 -28.72
N GLN C 218 20.34 9.55 -29.18
CA GLN C 218 20.70 8.95 -30.46
C GLN C 218 21.51 7.67 -30.24
N ARG C 219 20.85 6.52 -30.36
CA ARG C 219 21.44 5.23 -30.03
C ARG C 219 22.75 4.95 -30.79
N SER C 220 22.82 5.45 -32.02
CA SER C 220 23.96 5.19 -32.88
C SER C 220 24.21 6.41 -33.76
N GLY C 221 25.44 6.91 -33.74
CA GLY C 221 25.76 8.12 -34.48
C GLY C 221 27.08 8.05 -35.23
N ASP C 222 27.00 8.28 -36.53
CA ASP C 222 28.17 8.44 -37.37
C ASP C 222 28.70 9.87 -37.23
N MET C 223 29.93 10.01 -36.74
CA MET C 223 30.52 11.34 -36.53
C MET C 223 30.85 12.05 -37.85
N GLY C 224 31.16 11.28 -38.88
CA GLY C 224 31.49 11.82 -40.18
C GLY C 224 30.35 12.50 -40.93
N LEU C 225 29.25 11.78 -41.14
CA LEU C 225 28.10 12.31 -41.88
C LEU C 225 26.86 12.46 -41.02
N GLY C 226 26.49 11.39 -40.33
CA GLY C 226 25.23 11.33 -39.59
C GLY C 226 25.05 12.37 -38.50
N VAL C 227 25.93 12.35 -37.51
CA VAL C 227 25.80 13.20 -36.31
C VAL C 227 25.66 14.71 -36.62
N PRO C 228 26.55 15.30 -37.45
CA PRO C 228 26.36 16.71 -37.76
C PRO C 228 25.00 17.01 -38.41
N PHE C 229 24.57 16.12 -39.31
CA PHE C 229 23.26 16.24 -39.94
C PHE C 229 22.14 16.09 -38.92
N ASN C 230 22.30 15.12 -38.02
CA ASN C 230 21.27 14.86 -37.01
C ASN C 230 21.13 15.99 -35.99
N ILE C 231 22.26 16.55 -35.56
CA ILE C 231 22.26 17.61 -34.57
C ILE C 231 21.44 18.80 -35.04
N ALA C 232 21.73 19.25 -36.25
CA ALA C 232 21.01 20.38 -36.83
C ALA C 232 19.54 20.06 -37.00
N GLY C 233 19.24 18.80 -37.29
CA GLY C 233 17.87 18.38 -37.52
C GLY C 233 16.99 18.60 -36.30
N TYR C 234 17.53 18.27 -35.14
CA TYR C 234 16.79 18.39 -33.89
C TYR C 234 16.82 19.82 -33.35
N ALA C 235 17.89 20.55 -33.65
CA ALA C 235 17.95 21.97 -33.32
C ALA C 235 16.84 22.70 -34.09
N LEU C 236 16.57 22.22 -35.30
CA LEU C 236 15.50 22.79 -36.12
C LEU C 236 14.15 22.36 -35.59
N LEU C 237 14.05 21.11 -35.17
CA LEU C 237 12.82 20.60 -34.56
C LEU C 237 12.47 21.40 -33.32
N THR C 238 13.49 21.83 -32.59
CA THR C 238 13.28 22.59 -31.36
C THR C 238 12.78 23.99 -31.68
N TYR C 239 13.41 24.63 -32.65
CA TYR C 239 13.01 25.97 -33.10
C TYR C 239 11.56 25.99 -33.56
N ILE C 240 11.20 24.98 -34.36
CA ILE C 240 9.83 24.83 -34.85
C ILE C 240 8.81 24.72 -33.71
N VAL C 241 9.06 23.81 -32.78
CA VAL C 241 8.14 23.60 -31.65
C VAL C 241 8.12 24.86 -30.78
N ALA C 242 9.24 25.56 -30.72
CA ALA C 242 9.31 26.79 -29.96
C ALA C 242 8.45 27.87 -30.59
N HIS C 243 8.43 27.90 -31.91
CA HIS C 243 7.69 28.92 -32.65
C HIS C 243 6.19 28.74 -32.47
N VAL C 244 5.70 27.51 -32.60
CA VAL C 244 4.27 27.23 -32.49
C VAL C 244 3.78 27.37 -31.05
N THR C 245 4.70 27.32 -30.10
CA THR C 245 4.33 27.42 -28.69
C THR C 245 4.57 28.83 -28.15
N GLY C 246 5.15 29.69 -28.97
CA GLY C 246 5.34 31.08 -28.59
C GLY C 246 6.40 31.25 -27.52
N LEU C 247 7.37 30.35 -27.52
CA LEU C 247 8.46 30.37 -26.55
C LEU C 247 9.79 30.65 -27.22
N LYS C 248 10.83 30.86 -26.39
CA LYS C 248 12.19 31.06 -26.88
C LYS C 248 12.87 29.71 -27.03
N THR C 249 14.04 29.70 -27.67
CA THR C 249 14.83 28.49 -27.76
C THR C 249 15.90 28.50 -26.67
N GLY C 250 16.07 27.36 -26.01
CA GLY C 250 17.05 27.27 -24.93
C GLY C 250 18.27 26.46 -25.33
N ASP C 251 18.32 25.22 -24.86
CA ASP C 251 19.44 24.33 -25.13
C ASP C 251 19.00 23.07 -25.85
N LEU C 252 19.85 22.56 -26.74
CA LEU C 252 19.66 21.24 -27.32
C LEU C 252 20.71 20.30 -26.74
N ILE C 253 20.28 19.33 -25.94
CA ILE C 253 21.24 18.40 -25.38
C ILE C 253 21.27 17.14 -26.23
N HIS C 254 22.43 16.86 -26.81
CA HIS C 254 22.60 15.75 -27.75
C HIS C 254 23.26 14.55 -27.08
N THR C 255 22.50 13.45 -26.93
CA THR C 255 23.02 12.27 -26.26
C THR C 255 23.19 11.10 -27.23
N MET C 256 24.31 10.41 -27.12
CA MET C 256 24.59 9.28 -27.99
C MET C 256 24.80 7.97 -27.25
N GLY C 257 24.40 6.87 -27.90
CA GLY C 257 24.68 5.54 -27.43
C GLY C 257 26.05 5.13 -27.93
N ASP C 258 26.11 4.60 -29.14
CA ASP C 258 27.37 4.23 -29.76
C ASP C 258 27.86 5.32 -30.71
N ALA C 259 28.66 6.24 -30.19
CA ALA C 259 29.33 7.23 -31.02
C ALA C 259 30.52 6.58 -31.71
N HIS C 260 30.50 6.55 -33.05
CA HIS C 260 31.54 5.83 -33.78
C HIS C 260 32.04 6.55 -35.03
N ILE C 261 33.32 6.33 -35.33
CA ILE C 261 33.95 6.83 -36.55
C ILE C 261 34.35 5.66 -37.43
N TYR C 262 33.86 5.64 -38.67
CA TYR C 262 34.23 4.59 -39.61
C TYR C 262 35.75 4.63 -39.82
N LEU C 263 36.36 3.46 -39.98
CA LEU C 263 37.81 3.39 -40.09
C LEU C 263 38.30 4.09 -41.36
N ASN C 264 37.48 4.08 -42.40
CA ASN C 264 37.86 4.68 -43.68
C ASN C 264 37.64 6.19 -43.70
N HIS C 265 37.10 6.72 -42.60
CA HIS C 265 36.84 8.16 -42.48
C HIS C 265 37.79 8.83 -41.49
N ILE C 266 38.77 8.07 -41.01
CA ILE C 266 39.70 8.59 -40.01
C ILE C 266 40.48 9.79 -40.54
N ASP C 267 41.14 9.62 -41.68
CA ASP C 267 41.94 10.69 -42.27
C ASP C 267 41.09 11.90 -42.62
N ALA C 268 39.92 11.66 -43.21
CA ALA C 268 39.04 12.73 -43.66
C ALA C 268 38.54 13.58 -42.49
N LEU C 269 38.53 13.00 -41.29
CA LEU C 269 38.07 13.71 -40.11
C LEU C 269 39.21 14.43 -39.40
N LYS C 270 40.40 13.84 -39.40
CA LYS C 270 41.58 14.47 -38.82
C LYS C 270 41.86 15.81 -39.50
N VAL C 271 41.52 15.89 -40.79
CA VAL C 271 41.67 17.13 -41.55
C VAL C 271 40.73 18.18 -41.01
N GLN C 272 39.51 17.75 -40.66
CA GLN C 272 38.49 18.64 -40.12
C GLN C 272 38.86 19.21 -38.74
N LEU C 273 39.56 18.40 -37.93
CA LEU C 273 39.93 18.82 -36.59
C LEU C 273 40.96 19.94 -36.61
N ALA C 274 41.74 19.98 -37.68
CA ALA C 274 42.74 21.02 -37.87
C ALA C 274 42.06 22.37 -38.13
N ARG C 275 40.84 22.33 -38.64
CA ARG C 275 40.09 23.54 -38.95
C ARG C 275 39.53 24.19 -37.70
N SER C 276 39.53 25.52 -37.68
CA SER C 276 38.97 26.25 -36.56
C SER C 276 37.52 26.60 -36.84
N PRO C 277 36.62 26.24 -35.91
CA PRO C 277 35.20 26.51 -36.07
C PRO C 277 34.90 28.00 -36.14
N LYS C 278 33.96 28.37 -36.99
CA LYS C 278 33.51 29.75 -37.13
C LYS C 278 32.25 29.96 -36.31
N PRO C 279 31.93 31.22 -35.96
CA PRO C 279 30.69 31.49 -35.23
C PRO C 279 29.48 30.86 -35.91
N PHE C 280 28.58 30.29 -35.12
CA PHE C 280 27.38 29.66 -35.64
C PHE C 280 26.48 30.65 -36.37
N PRO C 281 25.83 30.18 -37.45
CA PRO C 281 24.84 30.98 -38.18
C PRO C 281 23.61 31.28 -37.34
N CYS C 282 22.74 32.16 -37.83
CA CYS C 282 21.50 32.47 -37.14
C CYS C 282 20.30 31.97 -37.93
N LEU C 283 19.30 31.46 -37.22
CA LEU C 283 18.08 30.98 -37.84
C LEU C 283 16.91 31.88 -37.46
N LYS C 284 16.10 32.23 -38.44
CA LYS C 284 14.93 33.04 -38.21
C LYS C 284 13.74 32.49 -39.01
N ILE C 285 12.63 32.25 -38.33
CA ILE C 285 11.39 31.88 -39.00
C ILE C 285 10.61 33.14 -39.37
N ILE C 286 10.36 33.31 -40.67
CA ILE C 286 9.78 34.53 -41.22
C ILE C 286 8.29 34.68 -40.95
N ARG C 287 7.52 33.77 -41.54
CA ARG C 287 6.06 33.82 -41.45
C ARG C 287 5.57 33.28 -40.10
N ASN C 288 4.61 33.97 -39.50
CA ASN C 288 4.03 33.52 -38.24
C ASN C 288 3.17 32.28 -38.42
N VAL C 289 3.74 31.11 -38.14
CA VAL C 289 3.05 29.84 -38.34
C VAL C 289 2.45 29.31 -37.04
N THR C 290 1.16 28.97 -37.09
CA THR C 290 0.45 28.46 -35.92
C THR C 290 0.25 26.95 -35.99
N ASP C 291 0.13 26.45 -37.22
CA ASP C 291 -0.05 25.02 -37.44
C ASP C 291 1.31 24.32 -37.59
N ILE C 292 1.51 23.27 -36.81
CA ILE C 292 2.76 22.51 -36.83
C ILE C 292 3.00 21.86 -38.19
N ASN C 293 1.91 21.57 -38.89
CA ASN C 293 1.99 20.89 -40.19
C ASN C 293 2.09 21.87 -41.35
N ASP C 294 2.11 23.15 -41.04
CA ASP C 294 2.01 24.18 -42.08
C ASP C 294 3.37 24.79 -42.48
N PHE C 295 4.46 24.24 -41.95
CA PHE C 295 5.79 24.78 -42.25
C PHE C 295 6.27 24.37 -43.64
N LYS C 296 6.86 25.32 -44.36
CA LYS C 296 7.40 25.05 -45.69
C LYS C 296 8.85 25.54 -45.79
N TRP C 297 9.51 25.18 -46.88
CA TRP C 297 10.94 25.46 -47.07
C TRP C 297 11.25 26.95 -47.06
N ASP C 298 10.31 27.77 -47.53
CA ASP C 298 10.56 29.20 -47.68
C ASP C 298 10.16 30.01 -46.44
N ASP C 299 9.95 29.34 -45.33
CA ASP C 299 9.63 30.02 -44.07
C ASP C 299 10.88 30.17 -43.22
N PHE C 300 11.94 29.46 -43.60
CA PHE C 300 13.18 29.46 -42.84
C PHE C 300 14.27 30.27 -43.51
N GLN C 301 14.85 31.20 -42.75
CA GLN C 301 15.95 32.03 -43.24
C GLN C 301 17.20 31.80 -42.40
N LEU C 302 18.25 31.29 -43.03
CA LEU C 302 19.51 31.00 -42.35
C LEU C 302 20.58 32.07 -42.62
N ASP C 303 20.87 32.88 -41.60
CA ASP C 303 21.84 33.97 -41.74
C ASP C 303 23.24 33.59 -41.30
N GLY C 304 24.23 34.05 -42.06
CA GLY C 304 25.62 33.93 -41.68
C GLY C 304 26.18 32.53 -41.56
N TYR C 305 25.81 31.66 -42.48
CA TYR C 305 26.38 30.32 -42.52
C TYR C 305 27.51 30.24 -43.55
N ASN C 306 28.73 30.46 -43.09
CA ASN C 306 29.91 30.36 -43.94
C ASN C 306 30.84 29.24 -43.46
N PRO C 307 30.50 27.99 -43.82
CA PRO C 307 31.31 26.84 -43.40
C PRO C 307 32.59 26.71 -44.19
N HIS C 308 33.50 25.82 -43.77
CA HIS C 308 34.75 25.63 -44.48
C HIS C 308 34.54 25.00 -45.86
N PRO C 309 35.40 25.37 -46.83
CA PRO C 309 35.42 24.82 -48.20
C PRO C 309 35.58 23.29 -48.20
N PRO C 310 35.41 22.62 -49.36
CA PRO C 310 35.62 21.17 -49.46
C PRO C 310 36.95 20.67 -48.83
N LEU C 311 36.99 19.38 -48.48
CA LEU C 311 38.14 18.79 -47.79
C LEU C 311 39.46 18.83 -48.58
N THR D 30 37.30 14.80 -14.97
CA THR D 30 35.98 14.18 -15.12
C THR D 30 35.70 13.19 -13.99
N LEU D 31 34.59 13.39 -13.29
CA LEU D 31 34.25 12.53 -12.15
C LEU D 31 33.30 11.40 -12.55
N THR D 32 33.56 10.21 -12.01
CA THR D 32 32.67 9.07 -12.22
C THR D 32 32.09 8.63 -10.87
N GLY D 33 31.15 7.71 -10.89
CA GLY D 33 30.60 7.16 -9.67
C GLY D 33 29.83 8.14 -8.81
N GLU D 34 29.78 7.87 -7.51
CA GLU D 34 28.97 8.65 -6.58
C GLU D 34 29.40 10.12 -6.54
N LEU D 35 30.64 10.38 -6.91
CA LEU D 35 31.14 11.76 -6.92
C LEU D 35 30.48 12.56 -8.03
N GLN D 36 30.24 11.92 -9.16
CA GLN D 36 29.53 12.58 -10.24
C GLN D 36 28.07 12.79 -9.83
N TYR D 37 27.54 11.85 -9.06
CA TYR D 37 26.21 11.99 -8.49
C TYR D 37 26.12 13.21 -7.59
N LEU D 38 27.11 13.34 -6.70
CA LEU D 38 27.14 14.46 -5.77
C LEU D 38 27.32 15.79 -6.51
N LYS D 39 28.13 15.78 -7.56
CA LYS D 39 28.31 16.98 -8.38
C LYS D 39 26.99 17.36 -9.05
N GLN D 40 26.30 16.34 -9.56
CA GLN D 40 24.98 16.54 -10.15
C GLN D 40 24.02 17.13 -9.13
N VAL D 41 24.05 16.60 -7.91
CA VAL D 41 23.21 17.13 -6.84
C VAL D 41 23.52 18.59 -6.61
N ASP D 42 24.81 18.87 -6.48
CA ASP D 42 25.33 20.18 -6.19
C ASP D 42 25.04 21.17 -7.31
N ASP D 43 25.16 20.75 -8.56
CA ASP D 43 24.84 21.63 -9.69
C ASP D 43 23.36 21.99 -9.69
N ILE D 44 22.51 21.08 -9.23
CA ILE D 44 21.07 21.33 -9.17
C ILE D 44 20.75 22.36 -8.09
N LEU D 45 21.25 22.12 -6.89
CA LEU D 45 21.09 23.07 -5.80
C LEU D 45 21.63 24.45 -6.17
N ARG D 46 22.80 24.51 -6.79
CA ARG D 46 23.42 25.79 -7.13
C ARG D 46 22.74 26.48 -8.31
N TYR D 47 22.55 25.77 -9.41
CA TYR D 47 22.12 26.39 -10.66
C TYR D 47 20.71 26.00 -11.10
N GLY D 48 19.97 25.35 -10.20
CA GLY D 48 18.65 24.87 -10.53
C GLY D 48 17.63 25.95 -10.82
N VAL D 49 16.56 25.52 -11.47
CA VAL D 49 15.45 26.40 -11.81
C VAL D 49 14.22 26.00 -11.04
N ARG D 50 13.64 26.98 -10.38
CA ARG D 50 12.57 26.71 -9.46
C ARG D 50 11.28 26.53 -10.21
N LYS D 51 10.68 25.34 -10.05
CA LYS D 51 9.44 25.04 -10.74
C LYS D 51 8.43 24.39 -9.83
N ARG D 52 7.22 24.13 -10.33
CA ARG D 52 6.25 23.42 -9.52
C ARG D 52 5.63 22.22 -10.23
N ASP D 53 5.89 21.07 -9.61
CA ASP D 53 5.56 19.70 -10.05
C ASP D 53 4.03 19.48 -10.24
N ARG D 54 3.62 18.27 -10.65
CA ARG D 54 2.21 17.89 -10.69
C ARG D 54 1.73 18.10 -9.28
N THR D 55 2.51 17.50 -8.37
CA THR D 55 2.62 17.86 -6.96
C THR D 55 2.72 19.36 -6.65
N GLY D 56 2.47 19.69 -5.39
CA GLY D 56 2.45 21.05 -4.93
C GLY D 56 3.60 21.37 -4.00
N ILE D 57 4.60 20.49 -3.98
CA ILE D 57 5.87 20.70 -3.24
C ILE D 57 6.89 21.56 -3.97
N GLY D 58 6.95 21.40 -5.29
CA GLY D 58 7.88 22.18 -6.11
C GLY D 58 9.31 21.65 -6.11
N THR D 59 10.07 21.96 -7.16
CA THR D 59 11.43 21.43 -7.30
C THR D 59 12.47 22.42 -7.85
N LEU D 60 13.73 22.14 -7.54
CA LEU D 60 14.86 22.72 -8.27
C LEU D 60 15.22 21.76 -9.38
N SER D 61 15.31 22.24 -10.61
CA SER D 61 15.48 21.34 -11.74
C SER D 61 16.56 21.77 -12.72
N LEU D 62 17.25 20.79 -13.29
CA LEU D 62 18.22 21.01 -14.37
C LEU D 62 17.97 19.97 -15.47
N PHE D 63 18.11 20.36 -16.73
CA PHE D 63 17.76 19.48 -17.84
C PHE D 63 18.99 19.03 -18.63
N GLY D 64 19.08 17.73 -18.87
CA GLY D 64 20.21 17.22 -19.62
C GLY D 64 21.40 16.97 -18.73
N MET D 65 21.55 15.72 -18.29
CA MET D 65 22.63 15.33 -17.40
C MET D 65 23.11 13.93 -17.73
N GLN D 66 24.37 13.65 -17.42
CA GLN D 66 24.94 12.33 -17.67
C GLN D 66 26.00 11.94 -16.65
N ALA D 67 25.96 10.70 -16.19
CA ALA D 67 26.93 10.21 -15.20
C ALA D 67 27.39 8.80 -15.53
N ARG D 68 28.70 8.60 -15.47
CA ARG D 68 29.28 7.30 -15.80
C ARG D 68 29.66 6.55 -14.54
N TYR D 69 29.18 5.32 -14.44
CA TYR D 69 29.46 4.49 -13.27
C TYR D 69 30.19 3.22 -13.69
N ASN D 70 31.44 3.07 -13.25
CA ASN D 70 32.18 1.85 -13.48
C ASN D 70 31.49 0.66 -12.82
N LEU D 71 31.36 -0.43 -13.58
CA LEU D 71 30.81 -1.67 -13.06
C LEU D 71 31.88 -2.73 -12.85
N ARG D 72 33.11 -2.43 -13.26
CA ARG D 72 34.19 -3.40 -13.16
C ARG D 72 34.66 -3.53 -11.72
N ASN D 73 34.52 -4.72 -11.16
CA ASN D 73 35.02 -5.06 -9.82
C ASN D 73 34.43 -4.21 -8.72
N GLU D 74 33.23 -3.70 -8.94
CA GLU D 74 32.49 -2.96 -7.92
C GLU D 74 31.05 -2.73 -8.36
N PHE D 75 30.18 -2.43 -7.41
CA PHE D 75 28.77 -2.19 -7.69
C PHE D 75 28.37 -0.82 -7.19
N PRO D 76 27.85 0.04 -8.10
CA PRO D 76 27.54 1.42 -7.75
C PRO D 76 26.30 1.56 -6.88
N LEU D 77 26.35 1.01 -5.67
CA LEU D 77 25.30 1.25 -4.68
C LEU D 77 25.75 2.41 -3.81
N LEU D 78 25.01 3.51 -3.85
CA LEU D 78 25.42 4.74 -3.18
C LEU D 78 25.68 4.55 -1.68
N THR D 79 26.54 5.39 -1.13
CA THR D 79 27.04 5.22 0.23
C THR D 79 26.78 6.42 1.15
N THR D 80 26.55 7.59 0.55
CA THR D 80 26.25 8.78 1.35
C THR D 80 24.86 8.72 1.95
N LYS D 81 24.11 7.69 1.59
CA LYS D 81 22.77 7.46 2.11
C LYS D 81 22.32 6.06 1.72
N ARG D 82 21.97 5.26 2.71
CA ARG D 82 21.61 3.87 2.47
C ARG D 82 20.45 3.73 1.48
N VAL D 83 20.65 2.88 0.48
CA VAL D 83 19.61 2.57 -0.48
C VAL D 83 19.07 1.18 -0.17
N PHE D 84 17.75 1.02 -0.12
CA PHE D 84 17.21 -0.28 0.22
C PHE D 84 17.56 -1.27 -0.90
N TRP D 85 18.49 -2.15 -0.60
CA TRP D 85 19.05 -3.07 -1.56
C TRP D 85 18.07 -4.18 -1.97
N ARG D 86 17.37 -4.75 -1.00
CA ARG D 86 16.48 -5.87 -1.30
C ARG D 86 15.29 -5.46 -2.18
N ALA D 87 14.92 -4.18 -2.13
CA ALA D 87 13.85 -3.66 -2.97
C ALA D 87 14.30 -3.62 -4.44
N VAL D 88 15.50 -3.09 -4.65
CA VAL D 88 16.09 -2.97 -5.97
C VAL D 88 16.09 -4.33 -6.67
N VAL D 89 16.63 -5.33 -5.98
CA VAL D 89 16.68 -6.68 -6.50
C VAL D 89 15.28 -7.23 -6.81
N GLU D 90 14.37 -7.13 -5.84
CA GLU D 90 13.04 -7.71 -6.02
C GLU D 90 12.21 -6.97 -7.06
N GLU D 91 12.38 -5.65 -7.15
CA GLU D 91 11.68 -4.89 -8.17
C GLU D 91 12.16 -5.32 -9.55
N LEU D 92 13.44 -5.62 -9.65
CA LEU D 92 14.00 -6.05 -10.93
C LEU D 92 13.46 -7.42 -11.31
N LEU D 93 13.43 -8.33 -10.34
CA LEU D 93 12.88 -9.66 -10.58
C LEU D 93 11.40 -9.54 -10.90
N TRP D 94 10.77 -8.56 -10.26
CA TRP D 94 9.39 -8.23 -10.51
C TRP D 94 9.20 -7.80 -11.97
N PHE D 95 10.13 -7.00 -12.45
CA PHE D 95 10.13 -6.58 -13.85
C PHE D 95 10.38 -7.75 -14.79
N ILE D 96 11.34 -8.59 -14.44
CA ILE D 96 11.78 -9.66 -15.35
C ILE D 96 10.67 -10.68 -15.60
N ARG D 97 9.93 -11.04 -14.55
CA ARG D 97 8.85 -12.01 -14.72
C ARG D 97 7.66 -11.36 -15.42
N GLY D 98 7.80 -10.09 -15.78
CA GLY D 98 6.79 -9.38 -16.55
C GLY D 98 5.53 -9.11 -15.78
N SER D 99 5.69 -8.69 -14.52
CA SER D 99 4.55 -8.49 -13.63
C SER D 99 4.19 -7.01 -13.49
N THR D 100 2.94 -6.74 -13.13
CA THR D 100 2.46 -5.38 -12.90
C THR D 100 1.60 -5.31 -11.65
N ASP D 101 1.69 -6.34 -10.82
CA ASP D 101 0.96 -6.41 -9.56
C ASP D 101 1.82 -5.92 -8.40
N SER D 102 1.35 -4.88 -7.71
CA SER D 102 2.11 -4.28 -6.62
C SER D 102 2.08 -5.17 -5.38
N LYS D 103 1.15 -6.12 -5.38
CA LYS D 103 0.97 -7.00 -4.24
C LYS D 103 2.09 -8.02 -4.12
N GLU D 104 2.68 -8.40 -5.25
CA GLU D 104 3.78 -9.35 -5.24
C GLU D 104 4.99 -8.78 -4.48
N LEU D 105 5.12 -7.47 -4.51
CA LEU D 105 6.20 -6.80 -3.80
C LEU D 105 5.84 -6.54 -2.35
N ALA D 106 4.58 -6.17 -2.11
CA ALA D 106 4.11 -5.89 -0.77
C ALA D 106 4.18 -7.15 0.08
N ALA D 107 3.88 -8.29 -0.52
CA ALA D 107 3.91 -9.58 0.16
C ALA D 107 5.31 -9.92 0.66
N LYS D 108 6.30 -9.19 0.14
CA LYS D 108 7.68 -9.34 0.57
C LYS D 108 8.11 -8.08 1.31
N ASP D 109 7.15 -7.41 1.93
CA ASP D 109 7.39 -6.23 2.76
C ASP D 109 8.09 -5.11 2.01
N ILE D 110 7.88 -5.07 0.69
CA ILE D 110 8.40 -4.01 -0.15
C ILE D 110 7.24 -3.17 -0.65
N HIS D 111 7.14 -1.94 -0.15
CA HIS D 111 5.94 -1.15 -0.36
C HIS D 111 6.17 0.14 -1.14
N ILE D 112 7.10 0.09 -2.09
CA ILE D 112 7.40 1.26 -2.90
C ILE D 112 6.31 1.53 -3.95
N TRP D 113 5.59 0.49 -4.33
CA TRP D 113 4.52 0.63 -5.32
C TRP D 113 3.13 0.54 -4.69
N ASP D 114 3.08 0.46 -3.37
CA ASP D 114 1.83 0.23 -2.66
C ASP D 114 0.82 1.36 -2.82
N ILE D 115 1.29 2.60 -2.87
CA ILE D 115 0.39 3.75 -3.01
C ILE D 115 -0.30 3.75 -4.37
N TYR D 116 0.49 3.51 -5.41
CA TYR D 116 -0.03 3.53 -6.77
C TYR D 116 -0.92 2.33 -7.07
N GLY D 117 -0.82 1.29 -6.24
CA GLY D 117 -1.62 0.10 -6.41
C GLY D 117 -2.90 0.14 -5.57
N SER D 118 -3.02 1.15 -4.71
CA SER D 118 -4.17 1.26 -3.82
C SER D 118 -5.40 1.76 -4.56
N SER D 119 -6.56 1.24 -4.16
CA SER D 119 -7.82 1.60 -4.79
C SER D 119 -8.15 3.08 -4.60
N LYS D 120 -7.60 3.66 -3.53
CA LYS D 120 -7.76 5.09 -3.30
C LYS D 120 -7.19 5.86 -4.48
N PHE D 121 -5.98 5.49 -4.89
CA PHE D 121 -5.28 6.13 -5.99
C PHE D 121 -5.91 5.84 -7.34
N LEU D 122 -6.16 4.56 -7.63
CA LEU D 122 -6.71 4.14 -8.91
C LEU D 122 -8.04 4.81 -9.24
N ASN D 123 -8.78 5.23 -8.20
CA ASN D 123 -10.08 5.87 -8.38
C ASN D 123 -9.99 7.37 -8.66
N ARG D 124 -8.88 8.01 -8.24
CA ARG D 124 -8.69 9.42 -8.55
C ARG D 124 -8.19 9.60 -9.97
N ASN D 125 -7.94 8.49 -10.68
CA ASN D 125 -7.35 8.59 -12.00
C ASN D 125 -8.05 7.69 -13.04
N GLY D 126 -9.35 7.50 -12.87
CA GLY D 126 -10.14 6.80 -13.87
C GLY D 126 -10.27 5.30 -13.68
N PHE D 127 -9.21 4.66 -13.20
CA PHE D 127 -9.20 3.21 -13.08
C PHE D 127 -10.13 2.71 -11.98
N HIS D 128 -11.43 2.75 -12.27
CA HIS D 128 -12.45 2.38 -11.29
C HIS D 128 -12.73 0.88 -11.29
N LYS D 129 -12.50 0.24 -12.43
CA LYS D 129 -12.78 -1.18 -12.57
C LYS D 129 -11.60 -2.02 -12.09
N ARG D 130 -10.56 -1.35 -11.61
CA ARG D 130 -9.34 -2.05 -11.22
C ARG D 130 -9.34 -2.47 -9.77
N HIS D 131 -8.70 -3.60 -9.49
CA HIS D 131 -8.54 -4.10 -8.13
C HIS D 131 -7.17 -3.75 -7.61
N THR D 132 -7.03 -3.70 -6.28
CA THR D 132 -5.81 -3.19 -5.64
C THR D 132 -4.55 -3.91 -6.14
N GLY D 133 -3.63 -3.13 -6.70
CA GLY D 133 -2.36 -3.66 -7.16
C GLY D 133 -2.22 -3.72 -8.66
N ASP D 134 -3.29 -3.43 -9.39
CA ASP D 134 -3.25 -3.44 -10.85
C ASP D 134 -2.66 -2.13 -11.37
N LEU D 135 -1.35 -2.09 -11.52
CA LEU D 135 -0.63 -0.88 -11.86
C LEU D 135 -0.68 -0.56 -13.34
N GLY D 136 -1.29 -1.44 -14.12
CA GLY D 136 -1.34 -1.26 -15.56
C GLY D 136 -0.03 -1.69 -16.18
N PRO D 137 0.08 -1.56 -17.51
CA PRO D 137 1.25 -1.99 -18.29
C PRO D 137 2.47 -1.11 -18.06
N ILE D 138 3.11 -1.21 -16.89
CA ILE D 138 4.15 -0.24 -16.55
C ILE D 138 5.53 -0.60 -17.11
N TYR D 139 6.27 -1.47 -16.44
CA TYR D 139 7.64 -1.75 -16.85
C TYR D 139 7.83 -3.16 -17.36
N GLY D 140 7.63 -4.13 -16.47
CA GLY D 140 7.82 -5.53 -16.80
C GLY D 140 6.93 -5.96 -17.94
N PHE D 141 5.81 -5.27 -18.11
CA PHE D 141 4.90 -5.59 -19.19
C PHE D 141 5.49 -5.17 -20.53
N GLN D 142 6.04 -3.96 -20.60
CA GLN D 142 6.65 -3.48 -21.83
C GLN D 142 7.95 -4.21 -22.12
N TRP D 143 8.63 -4.66 -21.06
CA TRP D 143 9.91 -5.35 -21.22
C TRP D 143 9.75 -6.69 -21.91
N ARG D 144 8.78 -7.47 -21.47
CA ARG D 144 8.62 -8.84 -21.99
C ARG D 144 7.45 -8.99 -22.96
N HIS D 145 6.57 -7.99 -23.00
CA HIS D 145 5.34 -8.10 -23.80
C HIS D 145 4.97 -6.82 -24.54
N PHE D 146 5.94 -6.18 -25.18
CA PHE D 146 5.65 -4.94 -25.88
C PHE D 146 4.71 -5.22 -27.05
N GLY D 147 3.60 -4.49 -27.09
CA GLY D 147 2.64 -4.62 -28.16
C GLY D 147 1.39 -5.40 -27.77
N ALA D 148 1.54 -6.30 -26.80
CA ALA D 148 0.41 -7.11 -26.36
C ALA D 148 -0.71 -6.25 -25.78
N GLU D 149 -1.93 -6.78 -25.81
CA GLU D 149 -3.08 -6.06 -25.25
C GLU D 149 -3.21 -6.35 -23.76
N TYR D 150 -3.24 -5.31 -22.95
CA TYR D 150 -3.27 -5.46 -21.50
C TYR D 150 -4.70 -5.56 -20.96
N LYS D 151 -4.94 -6.56 -20.11
CA LYS D 151 -6.24 -6.72 -19.45
C LYS D 151 -6.15 -6.31 -17.99
N ASP D 152 -5.61 -7.20 -17.16
CA ASP D 152 -5.29 -6.86 -15.76
C ASP D 152 -3.95 -7.45 -15.38
N CYS D 153 -3.50 -7.17 -14.16
CA CYS D 153 -2.18 -7.58 -13.71
C CYS D 153 -2.10 -9.08 -13.42
N GLN D 154 -3.21 -9.79 -13.55
CA GLN D 154 -3.19 -11.21 -13.26
C GLN D 154 -3.35 -12.06 -14.52
N SER D 155 -3.67 -11.39 -15.63
CA SER D 155 -3.78 -12.09 -16.90
C SER D 155 -2.41 -12.66 -17.31
N ASN D 156 -2.43 -13.89 -17.82
CA ASN D 156 -1.22 -14.52 -18.33
C ASN D 156 -0.96 -14.06 -19.75
N TYR D 157 -0.01 -13.15 -19.92
CA TYR D 157 0.34 -12.61 -21.23
C TYR D 157 1.47 -13.39 -21.87
N LEU D 158 1.54 -14.69 -21.59
CA LEU D 158 2.62 -15.54 -22.11
C LEU D 158 2.61 -15.57 -23.64
N GLN D 159 3.81 -15.48 -24.23
CA GLN D 159 4.01 -15.52 -25.68
C GLN D 159 3.19 -14.46 -26.42
N GLN D 160 2.86 -13.39 -25.72
CA GLN D 160 2.20 -12.25 -26.33
C GLN D 160 3.17 -11.07 -26.44
N GLY D 161 2.94 -10.20 -27.41
CA GLY D 161 3.78 -9.03 -27.59
C GLY D 161 5.23 -9.39 -27.92
N ILE D 162 6.10 -8.39 -27.84
CA ILE D 162 7.52 -8.62 -28.14
C ILE D 162 8.33 -8.74 -26.85
N ASP D 163 9.16 -9.78 -26.76
CA ASP D 163 10.03 -9.97 -25.61
C ASP D 163 11.34 -9.19 -25.79
N GLN D 164 11.33 -7.91 -25.45
CA GLN D 164 12.50 -7.05 -25.62
C GLN D 164 13.71 -7.58 -24.85
N LEU D 165 13.48 -8.03 -23.63
CA LEU D 165 14.56 -8.50 -22.78
C LEU D 165 15.29 -9.68 -23.39
N GLN D 166 14.55 -10.66 -23.86
CA GLN D 166 15.13 -11.87 -24.43
C GLN D 166 15.71 -11.62 -25.81
N THR D 167 15.09 -10.72 -26.56
CA THR D 167 15.60 -10.35 -27.87
C THR D 167 16.99 -9.72 -27.74
N VAL D 168 17.14 -8.83 -26.77
CA VAL D 168 18.43 -8.20 -26.49
C VAL D 168 19.45 -9.24 -26.03
N ILE D 169 19.02 -10.14 -25.15
CA ILE D 169 19.88 -11.22 -24.67
C ILE D 169 20.35 -12.09 -25.83
N ASP D 170 19.40 -12.54 -26.64
CA ASP D 170 19.71 -13.33 -27.84
C ASP D 170 20.70 -12.63 -28.76
N THR D 171 20.50 -11.32 -28.96
CA THR D 171 21.36 -10.53 -29.83
C THR D 171 22.78 -10.45 -29.28
N ILE D 172 22.89 -10.32 -27.96
CA ILE D 172 24.19 -10.26 -27.31
C ILE D 172 24.98 -11.54 -27.59
N LYS D 173 24.32 -12.68 -27.52
CA LYS D 173 24.97 -13.96 -27.76
C LYS D 173 25.24 -14.18 -29.24
N THR D 174 24.60 -13.36 -30.08
CA THR D 174 24.61 -13.53 -31.53
C THR D 174 25.31 -12.39 -32.25
N ASN D 175 24.79 -11.18 -32.06
CA ASN D 175 25.38 -9.97 -32.64
C ASN D 175 25.74 -8.98 -31.55
N PRO D 176 26.80 -9.26 -30.80
CA PRO D 176 27.21 -8.33 -29.74
C PRO D 176 27.62 -6.97 -30.30
N GLU D 177 27.88 -6.91 -31.61
CA GLU D 177 28.30 -5.67 -32.26
C GLU D 177 27.13 -4.73 -32.50
N SER D 178 25.91 -5.27 -32.47
CA SER D 178 24.68 -4.52 -32.79
C SER D 178 24.55 -3.19 -32.05
N ARG D 179 24.08 -2.17 -32.76
CA ARG D 179 23.78 -0.89 -32.14
C ARG D 179 22.27 -0.76 -31.91
N ARG D 180 21.59 -1.91 -31.89
CA ARG D 180 20.14 -1.92 -31.83
C ARG D 180 19.63 -2.76 -30.66
N MET D 181 20.44 -2.89 -29.61
CA MET D 181 20.03 -3.61 -28.41
C MET D 181 19.44 -2.64 -27.40
N ILE D 182 18.11 -2.47 -27.48
CA ILE D 182 17.41 -1.43 -26.73
C ILE D 182 16.12 -1.97 -26.12
N ILE D 183 15.85 -1.58 -24.87
CA ILE D 183 14.61 -1.94 -24.18
C ILE D 183 13.82 -0.68 -23.80
N SER D 184 12.77 -0.39 -24.56
CA SER D 184 11.98 0.81 -24.33
C SER D 184 10.66 0.50 -23.63
N SER D 185 10.31 1.33 -22.65
CA SER D 185 9.09 1.19 -21.89
C SER D 185 8.04 2.20 -22.34
N TRP D 186 8.42 3.06 -23.27
CA TRP D 186 7.55 4.16 -23.68
C TRP D 186 6.57 3.75 -24.78
N ASN D 187 5.39 3.29 -24.35
CA ASN D 187 4.32 2.98 -25.29
C ASN D 187 3.19 3.99 -25.11
N PRO D 188 3.08 4.94 -26.05
CA PRO D 188 2.10 6.03 -26.03
C PRO D 188 0.66 5.54 -25.90
N LYS D 189 0.39 4.34 -26.42
CA LYS D 189 -0.95 3.77 -26.38
C LYS D 189 -1.26 3.17 -25.00
N ASP D 190 -0.23 2.72 -24.30
CA ASP D 190 -0.41 2.10 -22.98
C ASP D 190 -0.24 3.08 -21.82
N ILE D 191 0.44 4.20 -22.07
CA ILE D 191 0.68 5.20 -21.03
C ILE D 191 -0.59 5.72 -20.34
N PRO D 192 -1.67 5.97 -21.11
CA PRO D 192 -2.92 6.33 -20.42
C PRO D 192 -3.40 5.26 -19.44
N LEU D 193 -3.08 4.00 -19.70
CA LEU D 193 -3.50 2.90 -18.83
C LEU D 193 -2.54 2.69 -17.66
N MET D 194 -1.29 3.10 -17.84
CA MET D 194 -0.30 3.03 -16.77
C MET D 194 -0.69 3.96 -15.63
N VAL D 195 -0.41 3.54 -14.40
CA VAL D 195 -0.61 4.42 -13.25
C VAL D 195 0.38 5.57 -13.34
N LEU D 196 1.55 5.28 -13.89
CA LEU D 196 2.63 6.26 -13.99
C LEU D 196 3.49 5.92 -15.21
N PRO D 197 3.69 6.91 -16.09
CA PRO D 197 4.60 6.74 -17.23
C PRO D 197 6.01 6.46 -16.76
N PRO D 198 6.75 5.59 -17.46
CA PRO D 198 8.08 5.13 -17.07
C PRO D 198 9.08 6.26 -16.89
N CYS D 199 9.77 6.30 -15.76
CA CYS D 199 10.78 7.31 -15.56
C CYS D 199 12.02 6.88 -16.27
N HIS D 200 12.24 5.59 -16.23
CA HIS D 200 13.48 5.08 -16.71
C HIS D 200 13.03 4.33 -17.95
N THR D 201 12.89 5.15 -18.98
CA THR D 201 12.00 4.95 -20.13
C THR D 201 12.58 4.05 -21.21
N LEU D 202 13.91 4.04 -21.31
CA LEU D 202 14.59 3.03 -22.10
C LEU D 202 16.03 2.87 -21.67
N CYS D 203 16.64 1.81 -22.18
CA CYS D 203 18.05 1.54 -21.97
C CYS D 203 18.64 0.88 -23.22
N GLN D 204 19.95 0.98 -23.38
CA GLN D 204 20.62 0.37 -24.51
C GLN D 204 21.84 -0.38 -24.03
N PHE D 205 22.10 -1.54 -24.62
CA PHE D 205 23.26 -2.32 -24.25
C PHE D 205 24.36 -2.22 -25.30
N TYR D 206 25.59 -2.52 -24.88
CA TYR D 206 26.77 -2.26 -25.69
C TYR D 206 27.88 -3.25 -25.35
N VAL D 207 28.24 -4.11 -26.29
CA VAL D 207 29.29 -5.10 -26.06
C VAL D 207 30.58 -4.74 -26.80
N ALA D 208 31.66 -4.59 -26.04
CA ALA D 208 32.97 -4.36 -26.63
C ALA D 208 34.06 -4.96 -25.75
N ASN D 209 35.00 -5.67 -26.37
CA ASN D 209 36.06 -6.38 -25.67
C ASN D 209 35.53 -7.32 -24.61
N GLY D 210 34.41 -7.99 -24.91
CA GLY D 210 33.79 -8.90 -23.97
C GLY D 210 33.32 -8.22 -22.69
N GLU D 211 32.92 -6.95 -22.83
CA GLU D 211 32.36 -6.21 -21.70
C GLU D 211 30.99 -5.65 -22.06
N LEU D 212 30.03 -5.82 -21.16
CA LEU D 212 28.68 -5.37 -21.39
C LEU D 212 28.41 -4.03 -20.71
N SER D 213 28.11 -3.00 -21.50
CA SER D 213 27.75 -1.70 -20.94
C SER D 213 26.25 -1.44 -21.14
N CYS D 214 25.74 -0.40 -20.48
CA CYS D 214 24.31 -0.12 -20.54
C CYS D 214 23.99 1.35 -20.26
N GLN D 215 23.50 2.08 -21.27
CA GLN D 215 23.11 3.46 -21.03
C GLN D 215 21.62 3.57 -20.75
N VAL D 216 21.27 4.31 -19.70
CA VAL D 216 19.89 4.45 -19.27
C VAL D 216 19.38 5.87 -19.43
N TYR D 217 18.26 6.04 -20.11
CA TYR D 217 17.63 7.34 -20.22
C TYR D 217 16.47 7.46 -19.25
N GLN D 218 16.65 8.29 -18.22
CA GLN D 218 15.63 8.51 -17.21
C GLN D 218 15.05 9.90 -17.35
N ARG D 219 13.83 9.99 -17.88
CA ARG D 219 13.24 11.28 -18.24
C ARG D 219 13.04 12.16 -17.03
N SER D 220 12.81 11.52 -15.90
CA SER D 220 12.49 12.20 -14.66
C SER D 220 13.21 11.53 -13.49
N GLY D 221 14.19 12.26 -12.95
CA GLY D 221 15.01 11.73 -11.88
C GLY D 221 14.80 12.47 -10.57
N ASP D 222 14.47 11.70 -9.54
CA ASP D 222 14.39 12.23 -8.18
C ASP D 222 15.70 11.95 -7.46
N MET D 223 16.57 12.95 -7.40
CA MET D 223 17.90 12.77 -6.82
C MET D 223 17.85 12.31 -5.36
N GLY D 224 16.77 12.66 -4.67
CA GLY D 224 16.62 12.32 -3.26
C GLY D 224 16.50 10.83 -2.97
N LEU D 225 15.61 10.15 -3.67
CA LEU D 225 15.40 8.73 -3.43
C LEU D 225 15.45 7.93 -4.73
N GLY D 226 14.78 8.44 -5.77
CA GLY D 226 14.60 7.69 -7.00
C GLY D 226 15.88 7.32 -7.72
N VAL D 227 16.66 8.34 -8.11
CA VAL D 227 17.87 8.14 -8.88
C VAL D 227 18.86 7.14 -8.26
N PRO D 228 19.16 7.27 -6.95
CA PRO D 228 20.09 6.26 -6.41
C PRO D 228 19.52 4.84 -6.48
N PHE D 229 18.20 4.73 -6.34
CA PHE D 229 17.50 3.45 -6.46
C PHE D 229 17.55 2.93 -7.91
N ASN D 230 17.35 3.85 -8.86
CA ASN D 230 17.34 3.48 -10.27
C ASN D 230 18.72 3.07 -10.81
N ILE D 231 19.77 3.68 -10.27
CA ILE D 231 21.13 3.36 -10.67
C ILE D 231 21.50 1.93 -10.27
N ALA D 232 21.26 1.58 -9.02
CA ALA D 232 21.48 0.22 -8.54
C ALA D 232 20.63 -0.78 -9.33
N GLY D 233 19.44 -0.34 -9.74
CA GLY D 233 18.55 -1.17 -10.53
C GLY D 233 19.18 -1.58 -11.84
N TYR D 234 19.66 -0.60 -12.60
CA TYR D 234 20.22 -0.89 -13.90
C TYR D 234 21.63 -1.47 -13.79
N ALA D 235 22.36 -1.08 -12.74
CA ALA D 235 23.67 -1.66 -12.49
C ALA D 235 23.54 -3.17 -12.22
N LEU D 236 22.49 -3.54 -11.49
CA LEU D 236 22.21 -4.95 -11.23
C LEU D 236 21.80 -5.65 -12.53
N LEU D 237 20.92 -5.00 -13.28
CA LEU D 237 20.44 -5.54 -14.54
C LEU D 237 21.60 -5.87 -15.47
N THR D 238 22.55 -4.94 -15.59
CA THR D 238 23.72 -5.14 -16.46
C THR D 238 24.56 -6.33 -15.99
N TYR D 239 24.66 -6.50 -14.68
CA TYR D 239 25.37 -7.65 -14.10
C TYR D 239 24.65 -8.95 -14.44
N ILE D 240 23.33 -8.94 -14.27
CA ILE D 240 22.49 -10.09 -14.56
C ILE D 240 22.61 -10.52 -16.02
N VAL D 241 22.38 -9.59 -16.94
CA VAL D 241 22.47 -9.89 -18.37
C VAL D 241 23.88 -10.32 -18.74
N ALA D 242 24.88 -9.67 -18.16
CA ALA D 242 26.27 -10.06 -18.39
C ALA D 242 26.46 -11.52 -18.00
N HIS D 243 25.87 -11.90 -16.87
CA HIS D 243 26.03 -13.24 -16.34
C HIS D 243 25.48 -14.27 -17.31
N VAL D 244 24.23 -14.05 -17.72
CA VAL D 244 23.53 -14.97 -18.62
C VAL D 244 24.28 -15.12 -19.94
N THR D 245 24.93 -14.04 -20.37
CA THR D 245 25.63 -14.02 -21.64
C THR D 245 27.11 -14.36 -21.51
N GLY D 246 27.54 -14.70 -20.30
CA GLY D 246 28.92 -15.05 -20.04
C GLY D 246 29.89 -13.94 -20.39
N LEU D 247 29.50 -12.72 -20.06
CA LEU D 247 30.29 -11.53 -20.36
C LEU D 247 30.72 -10.79 -19.10
N LYS D 248 31.77 -9.99 -19.22
CA LYS D 248 32.22 -9.12 -18.15
C LYS D 248 31.37 -7.86 -18.11
N THR D 249 31.36 -7.16 -16.97
CA THR D 249 30.61 -5.92 -16.88
C THR D 249 31.48 -4.72 -17.23
N GLY D 250 30.93 -3.80 -18.01
CA GLY D 250 31.69 -2.63 -18.42
C GLY D 250 31.35 -1.40 -17.60
N ASP D 251 30.53 -0.53 -18.18
CA ASP D 251 30.07 0.69 -17.50
C ASP D 251 28.56 0.78 -17.52
N LEU D 252 28.03 1.54 -16.57
CA LEU D 252 26.63 1.98 -16.61
C LEU D 252 26.62 3.48 -16.83
N ILE D 253 26.02 3.91 -17.94
CA ILE D 253 25.89 5.33 -18.20
C ILE D 253 24.48 5.78 -17.82
N HIS D 254 24.40 6.66 -16.83
CA HIS D 254 23.13 7.18 -16.38
C HIS D 254 22.88 8.54 -17.00
N THR D 255 21.89 8.62 -17.89
CA THR D 255 21.51 9.87 -18.54
C THR D 255 20.13 10.31 -18.05
N MET D 256 19.93 11.62 -17.90
CA MET D 256 18.66 12.13 -17.40
C MET D 256 18.09 13.28 -18.20
N GLY D 257 16.78 13.43 -18.17
CA GLY D 257 16.12 14.61 -18.70
C GLY D 257 15.91 15.61 -17.58
N ASP D 258 14.76 15.54 -16.93
CA ASP D 258 14.44 16.43 -15.82
C ASP D 258 15.04 15.92 -14.50
N ALA D 259 16.30 16.26 -14.26
CA ALA D 259 16.96 15.94 -13.00
C ALA D 259 16.62 16.99 -11.95
N HIS D 260 15.85 16.61 -10.94
CA HIS D 260 15.30 17.59 -10.01
C HIS D 260 15.53 17.27 -8.54
N ILE D 261 15.32 18.28 -7.70
CA ILE D 261 15.43 18.15 -6.25
C ILE D 261 14.25 18.83 -5.58
N TYR D 262 13.43 18.04 -4.89
CA TYR D 262 12.25 18.59 -4.21
C TYR D 262 12.67 19.56 -3.10
N LEU D 263 11.92 20.65 -2.98
CA LEU D 263 12.30 21.77 -2.12
C LEU D 263 12.44 21.40 -0.64
N ASN D 264 11.65 20.43 -0.19
CA ASN D 264 11.73 19.98 1.20
C ASN D 264 12.96 19.10 1.43
N HIS D 265 13.50 18.55 0.36
CA HIS D 265 14.65 17.65 0.46
C HIS D 265 15.98 18.39 0.36
N ILE D 266 15.93 19.71 0.12
CA ILE D 266 17.15 20.51 -0.03
C ILE D 266 18.09 20.41 1.17
N ASP D 267 17.56 20.67 2.36
CA ASP D 267 18.36 20.69 3.59
C ASP D 267 19.07 19.35 3.84
N ALA D 268 18.34 18.25 3.67
CA ALA D 268 18.90 16.91 3.89
C ALA D 268 20.02 16.60 2.89
N LEU D 269 19.81 16.95 1.62
CA LEU D 269 20.83 16.76 0.60
C LEU D 269 22.01 17.73 0.79
N LYS D 270 21.75 18.88 1.41
CA LYS D 270 22.81 19.84 1.72
C LYS D 270 23.87 19.22 2.61
N VAL D 271 23.44 18.38 3.56
CA VAL D 271 24.38 17.76 4.48
C VAL D 271 24.93 16.46 3.89
N GLN D 272 24.14 15.79 3.05
CA GLN D 272 24.59 14.55 2.40
C GLN D 272 25.75 14.86 1.45
N LEU D 273 25.78 16.09 0.95
CA LEU D 273 26.89 16.54 0.11
C LEU D 273 28.19 16.55 0.90
N ALA D 274 28.10 16.85 2.19
CA ALA D 274 29.26 17.02 3.05
C ALA D 274 29.97 15.68 3.34
N ARG D 275 29.23 14.59 3.15
CA ARG D 275 29.76 13.25 3.38
C ARG D 275 30.65 12.78 2.24
N SER D 276 31.71 12.05 2.58
CA SER D 276 32.60 11.51 1.57
C SER D 276 32.20 10.09 1.20
N PRO D 277 31.88 9.88 -0.09
CA PRO D 277 31.47 8.57 -0.58
C PRO D 277 32.51 7.50 -0.28
N LYS D 278 32.07 6.41 0.33
CA LYS D 278 32.94 5.30 0.67
C LYS D 278 33.13 4.42 -0.56
N PRO D 279 34.10 3.48 -0.51
CA PRO D 279 34.24 2.56 -1.64
C PRO D 279 32.97 1.78 -1.94
N PHE D 280 32.57 1.74 -3.21
CA PHE D 280 31.41 0.96 -3.63
C PHE D 280 31.62 -0.49 -3.24
N PRO D 281 30.54 -1.20 -2.88
CA PRO D 281 30.59 -2.60 -2.47
C PRO D 281 30.97 -3.55 -3.60
N CYS D 282 30.81 -4.85 -3.37
CA CYS D 282 31.04 -5.84 -4.42
C CYS D 282 29.82 -6.74 -4.62
N LEU D 283 29.50 -7.01 -5.89
CA LEU D 283 28.39 -7.90 -6.21
C LEU D 283 28.88 -9.22 -6.79
N LYS D 284 28.38 -10.33 -6.24
CA LYS D 284 28.68 -11.65 -6.77
C LYS D 284 27.39 -12.40 -7.08
N ILE D 285 27.47 -13.35 -7.99
CA ILE D 285 26.35 -14.26 -8.23
C ILE D 285 26.77 -15.65 -7.80
N ILE D 286 26.21 -16.10 -6.67
CA ILE D 286 26.61 -17.34 -6.02
C ILE D 286 26.28 -18.57 -6.85
N ARG D 287 25.23 -18.48 -7.67
CA ARG D 287 24.81 -19.63 -8.46
C ARG D 287 24.87 -19.33 -9.96
N ASN D 288 25.32 -20.31 -10.74
CA ASN D 288 25.41 -20.14 -12.19
C ASN D 288 24.05 -20.23 -12.87
N VAL D 289 23.41 -19.08 -13.03
CA VAL D 289 22.10 -19.00 -13.67
C VAL D 289 22.22 -18.99 -15.19
N THR D 290 21.32 -19.67 -15.88
CA THR D 290 21.34 -19.75 -17.34
C THR D 290 20.05 -19.21 -17.96
N ASP D 291 19.01 -19.07 -17.15
CA ASP D 291 17.73 -18.53 -17.60
C ASP D 291 17.49 -17.16 -16.97
N ILE D 292 17.08 -16.20 -17.79
CA ILE D 292 16.83 -14.84 -17.30
C ILE D 292 15.68 -14.83 -16.29
N ASN D 293 14.82 -15.84 -16.35
CA ASN D 293 13.71 -15.96 -15.40
C ASN D 293 14.02 -16.82 -14.17
N ASP D 294 15.30 -17.09 -13.93
CA ASP D 294 15.69 -18.02 -12.87
C ASP D 294 16.50 -17.36 -11.74
N PHE D 295 16.35 -16.05 -11.59
CA PHE D 295 17.10 -15.34 -10.56
C PHE D 295 16.29 -15.18 -9.27
N LYS D 296 16.92 -15.50 -8.14
CA LYS D 296 16.30 -15.39 -6.83
C LYS D 296 17.07 -14.41 -5.95
N TRP D 297 16.47 -14.01 -4.84
CA TRP D 297 17.13 -13.11 -3.89
C TRP D 297 18.39 -13.73 -3.28
N ASP D 298 18.38 -15.06 -3.15
CA ASP D 298 19.50 -15.79 -2.55
C ASP D 298 20.73 -15.83 -3.44
N ASP D 299 20.52 -15.68 -4.74
CA ASP D 299 21.60 -15.82 -5.72
C ASP D 299 22.60 -14.66 -5.68
N PHE D 300 22.22 -13.57 -5.03
CA PHE D 300 23.06 -12.37 -5.02
C PHE D 300 23.74 -12.14 -3.67
N GLN D 301 25.05 -11.93 -3.72
CA GLN D 301 25.84 -11.64 -2.53
C GLN D 301 26.53 -10.30 -2.63
N LEU D 302 26.14 -9.37 -1.76
CA LEU D 302 26.72 -8.04 -1.74
C LEU D 302 27.74 -7.93 -0.62
N ASP D 303 28.97 -7.60 -0.97
CA ASP D 303 30.05 -7.53 0.00
C ASP D 303 30.58 -6.12 0.19
N GLY D 304 30.87 -5.77 1.43
CA GLY D 304 31.55 -4.52 1.74
C GLY D 304 30.70 -3.30 1.54
N TYR D 305 29.43 -3.38 1.94
CA TYR D 305 28.53 -2.24 1.82
C TYR D 305 28.25 -1.63 3.19
N ASN D 306 28.92 -0.52 3.47
CA ASN D 306 28.73 0.17 4.75
C ASN D 306 28.45 1.66 4.54
N PRO D 307 27.19 2.01 4.22
CA PRO D 307 26.80 3.40 3.96
C PRO D 307 26.82 4.27 5.20
N HIS D 308 26.88 5.58 5.00
CA HIS D 308 26.83 6.53 6.10
C HIS D 308 25.54 6.33 6.89
N PRO D 309 25.58 6.56 8.21
CA PRO D 309 24.41 6.37 9.07
C PRO D 309 23.23 7.24 8.63
N PRO D 310 22.01 6.84 8.99
CA PRO D 310 20.81 7.60 8.59
C PRO D 310 20.81 9.01 9.18
N LEU D 311 20.94 10.01 8.31
CA LEU D 311 20.83 11.41 8.69
C LEU D 311 21.91 11.80 9.71
O3' BVP E . -30.87 -0.05 15.15
C3' BVP E . -29.49 0.04 15.22
C2' BVP E . -28.82 -1.18 14.69
C1' BVP E . -28.84 -1.02 13.38
O4' BVP E . -28.80 0.56 13.13
C4' BVP E . -28.99 1.17 14.26
C5' BVP E . -27.71 1.79 14.77
O5' BVP E . -27.98 2.97 15.54
P BVP E . -27.27 3.14 17.00
O1P BVP E . -27.24 1.80 17.72
O2P BVP E . -25.87 3.65 16.82
O3P BVP E . -28.06 4.14 17.85
N1 BVP E . -27.73 -1.64 12.77
C6 BVP E . -26.77 -0.81 12.17
C5 BVP E . -25.59 -1.37 11.52
C5A BVP E . -24.57 -0.44 10.90
C5B BVP E . -23.60 0.15 11.71
BR BVP E . -22.28 1.35 10.89
C4 BVP E . -25.37 -2.82 11.47
O4 BVP E . -24.36 -3.30 10.92
N3 BVP E . -26.35 -3.68 12.08
C2 BVP E . -27.54 -3.12 12.73
O2 BVP E . -28.33 -3.87 13.22
OH2 1PE F . -30.38 3.64 10.20
C12 1PE F . -30.59 2.36 9.75
C22 1PE F . -29.96 2.20 8.34
OH3 1PE F . -28.55 1.96 8.47
C13 1PE F . -26.47 1.26 7.50
C23 1PE F . -27.96 1.37 7.32
OH4 1PE F . -25.92 0.28 6.60
C14 1PE F . -24.96 -1.96 6.54
C24 1PE F . -24.93 -0.56 7.20
OH5 1PE F . -26.15 -2.65 6.92
C15 1PE F . -28.27 -3.46 6.07
C25 1PE F . -26.76 -3.34 5.86
OH6 1PE F . -28.97 -3.30 4.84
C16 1PE F . -29.57 -4.15 2.66
C26 1PE F . -28.60 -4.22 3.79
OH7 1PE F . -30.40 -2.97 2.74
O3' BVP G . -5.56 -17.42 31.49
C3' BVP G . -5.68 -16.07 31.22
C2' BVP G . -6.80 -15.44 32.00
C1' BVP G . -6.23 -15.04 33.13
O4' BVP G . -4.69 -14.73 32.78
C4' BVP G . -4.39 -15.28 31.67
C5' BVP G . -4.01 -14.24 30.65
O5' BVP G . -4.56 -14.60 29.37
P BVP G . -3.63 -14.51 28.05
O1P BVP G . -2.53 -15.57 28.12
O2P BVP G . -3.01 -13.14 27.96
O3P BVP G . -4.49 -14.78 26.83
N1 BVP G . -6.85 -13.88 33.66
C6 BVP G . -6.10 -12.71 33.76
C5 BVP G . -6.69 -11.48 34.32
C4 BVP G . -8.08 -11.46 34.78
O4 BVP G . -8.58 -10.41 35.25
N3 BVP G . -8.86 -12.66 34.68
C2 BVP G . -8.27 -13.90 34.13
O2 BVP G . -8.93 -14.89 34.06
OH3 1PE H . -2.76 -12.95 37.62
C13 1PE H . -3.62 -11.14 36.22
C23 1PE H . -3.06 -12.54 36.27
OH4 1PE H . -3.68 -10.52 37.49
C14 1PE H . -5.34 -9.64 39.00
C24 1PE H . -4.72 -9.55 37.59
OH5 1PE H . -6.55 -10.34 38.93
C15 1PE H . -7.31 -12.44 39.88
C25 1PE H . -6.92 -10.98 40.15
OH6 1PE H . -7.58 -13.09 41.12
O3' BVP I . 26.72 4.24 -38.50
C3' BVP I . 25.40 4.21 -38.07
C2' BVP I . 24.95 5.59 -37.76
C1' BVP I . 24.64 6.10 -38.94
O4' BVP I . 24.13 4.86 -39.84
C4' BVP I . 24.43 3.77 -39.23
C5' BVP I . 23.19 3.13 -38.69
O5' BVP I . 23.31 1.69 -38.67
P BVP I . 22.81 0.91 -37.34
O1P BVP I . 23.21 1.73 -36.11
O2P BVP I . 23.46 -0.44 -37.25
O3P BVP I . 21.30 0.76 -37.36
N1 BVP I . 23.58 7.02 -38.85
C6 BVP I . 22.38 6.69 -39.46
C5 BVP I . 21.24 7.61 -39.41
C5A BVP I . 19.94 7.21 -40.08
C5B BVP I . 19.44 5.91 -39.90
BR BVP I . 17.78 5.39 -40.76
C4 BVP I . 21.34 8.88 -38.71
O4 BVP I . 20.34 9.65 -38.68
N3 BVP I . 22.57 9.24 -38.07
C2 BVP I . 23.72 8.32 -38.14
O2 BVP I . 24.75 8.63 -37.60
OH2 1PE J . 24.37 14.22 -46.85
C12 1PE J . 24.15 13.05 -46.18
C22 1PE J . 23.60 13.34 -44.77
OH3 1PE J . 23.34 12.10 -44.09
C13 1PE J . 22.10 10.85 -42.43
C23 1PE J . 22.32 12.18 -43.11
OH4 1PE J . 21.49 9.93 -43.35
C14 1PE J . 19.60 8.67 -44.16
C24 1PE J . 20.06 9.87 -43.31
OH5 1PE J . 19.44 7.53 -43.32
C15 1PE J . 21.11 6.05 -44.23
C25 1PE J . 19.61 6.32 -43.97
OH6 1PE J . 21.28 4.69 -44.60
C16 1PE J . 23.62 4.24 -44.48
C26 1PE J . 22.44 4.44 -45.39
OH7 1PE J . 24.68 5.15 -44.86
O3' BVP K . 9.92 12.90 -9.52
C3' BVP K . 9.71 11.83 -10.40
C2' BVP K . 10.78 10.80 -10.29
C1' BVP K . 10.33 9.89 -9.42
O4' BVP K . 8.73 9.92 -9.54
C4' BVP K . 8.38 11.06 -10.01
C5' BVP K . 7.53 10.89 -11.25
O5' BVP K . 6.78 12.08 -11.50
P BVP K . 6.70 12.63 -13.02
O1P BVP K . 8.11 12.76 -13.55
O2P BVP K . 5.92 11.66 -13.87
O3P BVP K . 6.05 14.01 -13.06
N1 BVP K . 10.75 8.58 -9.75
C6 BVP K . 9.76 7.63 -10.01
C5 BVP K . 10.11 6.25 -10.34
C4 BVP K . 11.51 5.84 -10.41
O4 BVP K . 11.81 4.66 -10.70
N3 BVP K . 12.53 6.79 -10.14
C2 BVP K . 12.19 8.18 -9.81
O2 BVP K . 13.06 8.96 -9.58
OH3 1PE L . 7.16 4.47 -7.33
C13 1PE L . 9.39 3.67 -7.69
C23 1PE L . 8.06 3.45 -6.94
OH4 1PE L . 10.44 3.85 -6.74
C14 1PE L . 12.38 5.06 -5.99
C24 1PE L . 11.21 5.06 -6.93
OH5 1PE L . 11.95 4.78 -4.68
C15 1PE L . 12.70 4.37 -2.37
C25 1PE L . 12.89 4.03 -3.88
OH6 1PE L . 13.37 3.45 -1.61
#